data_3P4M
#
_entry.id   3P4M
#
_cell.length_a   66.730
_cell.length_b   90.920
_cell.length_c   89.050
_cell.angle_alpha   90.000
_cell.angle_beta   111.090
_cell.angle_gamma   90.000
#
_symmetry.space_group_name_H-M   'P 1 21 1'
#
loop_
_entity.id
_entity.type
_entity.pdbx_description
1 polymer 'H-2 class I histocompatibility antigen, K-B alpha chain'
2 polymer Beta-2-microglobulin
3 polymer 'NP205-LCMV epitope, YTVKYPNL'
4 non-polymer 'ACETYL GROUP'
5 water water
#
loop_
_entity_poly.entity_id
_entity_poly.type
_entity_poly.pdbx_seq_one_letter_code
_entity_poly.pdbx_strand_id
1 'polypeptide(L)'
;MGPHSLRYFVTAVSRPGLGEPRYMEVGYVDDTEFVRFDSDAENPRYEPRARWMEQEGPEYWERETQKAKGNEQSFRVDLR
TLLGYYNQSKGGSHTIQVISGCEVGSDGRLLRGYQQYAYDGCDYIALNEDLKTWTAADMAALITKHKWEQAGEAERLRAY
LEGTCVEWLRRYLKNGNATLLRTDSPKAHVTHHSRPEDKVTLRCWALGFYPADITLTWQLNGEELIQDMELVETRPAGDG
TFQKWASVVVPLGKEQYYTCHVYHQGLPEPLTLRWEPP
;
A,D
2 'polypeptide(L)'
;IQKTPQIQVYSRHPPENGKPNILNCYVTQFHPPHIEIQMLKNGKKIPKVEMSDMSFSKDWSFYILAHTEFTPTETDTYAC
RVKHDSMAEPKTVYWDRDM
;
B,E
3 'polypeptide(L)' YTVKYPNL C,F
#
# COMPACT_ATOMS: atom_id res chain seq x y z
N MET A 1 8.03 -2.07 4.54
CA MET A 1 8.35 -2.98 3.43
C MET A 1 7.43 -2.80 2.23
N GLY A 2 6.13 -2.75 2.47
CA GLY A 2 5.16 -2.59 1.40
C GLY A 2 5.05 -3.83 0.55
N PRO A 3 4.30 -3.76 -0.56
CA PRO A 3 4.14 -4.92 -1.45
C PRO A 3 5.38 -5.15 -2.29
N HIS A 4 5.30 -6.13 -3.19
CA HIS A 4 6.38 -6.38 -4.12
C HIS A 4 5.86 -7.03 -5.39
N SER A 5 6.62 -6.87 -6.46
CA SER A 5 6.25 -7.41 -7.74
C SER A 5 7.44 -8.06 -8.42
N LEU A 6 7.16 -9.12 -9.16
CA LEU A 6 8.07 -9.69 -10.13
C LEU A 6 7.32 -9.65 -11.46
N ARG A 7 7.85 -8.90 -12.41
CA ARG A 7 7.19 -8.78 -13.71
C ARG A 7 8.17 -9.04 -14.85
N TYR A 8 7.66 -9.69 -15.89
CA TYR A 8 8.38 -9.85 -17.14
C TYR A 8 7.65 -9.17 -18.30
N PHE A 9 8.38 -8.32 -19.01
CA PHE A 9 7.88 -7.67 -20.22
C PHE A 9 8.62 -8.23 -21.42
N VAL A 10 7.87 -8.73 -22.38
CA VAL A 10 8.45 -9.44 -23.48
C VAL A 10 8.00 -8.78 -24.77
N THR A 11 8.89 -8.70 -25.77
CA THR A 11 8.58 -8.12 -27.08
C THR A 11 9.09 -8.95 -28.26
N ALA A 12 8.18 -9.28 -29.15
CA ALA A 12 8.54 -9.98 -30.35
C ALA A 12 8.21 -9.11 -31.54
N VAL A 13 9.22 -8.79 -32.34
CA VAL A 13 9.06 -7.91 -33.49
C VAL A 13 9.55 -8.53 -34.80
N SER A 14 8.62 -8.83 -35.70
CA SER A 14 9.03 -9.34 -36.99
C SER A 14 9.51 -8.18 -37.87
N ARG A 15 10.50 -8.46 -38.71
CA ARG A 15 11.00 -7.48 -39.66
C ARG A 15 11.30 -8.26 -40.93
N PRO A 16 10.25 -8.68 -41.63
CA PRO A 16 10.44 -9.63 -42.74
C PRO A 16 11.39 -9.12 -43.82
N GLY A 17 12.13 -10.05 -44.42
CA GLY A 17 13.16 -9.70 -45.37
C GLY A 17 14.47 -9.31 -44.70
N LEU A 18 14.38 -8.58 -43.59
CA LEU A 18 15.57 -8.12 -42.87
C LEU A 18 16.15 -9.12 -41.89
N GLY A 19 15.60 -10.35 -41.88
CA GLY A 19 16.08 -11.37 -40.96
C GLY A 19 15.07 -11.77 -39.90
N GLU A 20 15.57 -12.38 -38.82
CA GLU A 20 14.69 -12.98 -37.83
C GLU A 20 14.02 -11.95 -36.89
N PRO A 21 12.89 -12.31 -36.28
CA PRO A 21 12.30 -11.33 -35.37
C PRO A 21 13.20 -10.98 -34.20
N ARG A 22 13.22 -9.69 -33.86
N ARG A 22 13.22 -9.69 -33.86
CA ARG A 22 13.92 -9.26 -32.67
CA ARG A 22 13.93 -9.24 -32.67
C ARG A 22 13.10 -9.69 -31.46
C ARG A 22 13.12 -9.66 -31.46
N TYR A 23 13.74 -10.42 -30.56
CA TYR A 23 13.05 -10.90 -29.37
C TYR A 23 13.69 -10.30 -28.13
N MET A 24 12.86 -9.88 -27.18
N MET A 24 12.88 -9.91 -27.15
CA MET A 24 13.33 -9.24 -25.96
CA MET A 24 13.40 -9.26 -25.96
C MET A 24 12.58 -9.78 -24.75
C MET A 24 12.61 -9.62 -24.71
N GLU A 25 13.32 -10.07 -23.68
CA GLU A 25 12.69 -10.30 -22.40
C GLU A 25 13.36 -9.37 -21.39
N VAL A 26 12.53 -8.62 -20.67
CA VAL A 26 13.03 -7.80 -19.56
C VAL A 26 12.28 -8.18 -18.28
N GLY A 27 13.05 -8.41 -17.22
CA GLY A 27 12.45 -8.75 -15.94
C GLY A 27 12.57 -7.62 -14.95
N TYR A 28 11.52 -7.41 -14.16
CA TYR A 28 11.56 -6.37 -13.16
C TYR A 28 11.25 -6.92 -11.80
N VAL A 29 11.98 -6.42 -10.81
CA VAL A 29 11.64 -6.68 -9.42
C VAL A 29 11.24 -5.33 -8.81
N ASP A 30 9.96 -5.19 -8.48
CA ASP A 30 9.45 -3.91 -7.99
C ASP A 30 9.68 -2.76 -8.98
N ASP A 31 9.39 -2.99 -10.25
CA ASP A 31 9.52 -1.91 -11.23
C ASP A 31 10.98 -1.46 -11.33
N THR A 32 11.87 -2.42 -11.45
CA THR A 32 13.27 -2.14 -11.53
C THR A 32 13.93 -3.27 -12.30
N GLU A 33 14.31 -2.97 -13.55
CA GLU A 33 14.93 -3.95 -14.42
C GLU A 33 16.06 -4.65 -13.67
N PHE A 34 16.11 -5.97 -13.81
CA PHE A 34 17.09 -6.77 -13.08
C PHE A 34 17.60 -7.94 -13.94
N VAL A 35 16.89 -8.25 -15.01
CA VAL A 35 17.38 -9.17 -16.04
C VAL A 35 16.93 -8.75 -17.45
N ARG A 36 17.68 -9.15 -18.46
CA ARG A 36 17.32 -8.87 -19.84
C ARG A 36 17.82 -9.99 -20.75
N PHE A 37 17.00 -10.36 -21.72
CA PHE A 37 17.45 -11.24 -22.79
C PHE A 37 17.14 -10.59 -24.13
N ASP A 38 18.17 -10.43 -24.95
CA ASP A 38 18.08 -9.67 -26.19
C ASP A 38 18.60 -10.50 -27.37
N SER A 39 17.68 -11.01 -28.20
CA SER A 39 18.05 -11.93 -29.29
C SER A 39 19.00 -11.38 -30.34
N ASP A 40 19.22 -10.07 -30.35
CA ASP A 40 20.08 -9.47 -31.37
C ASP A 40 21.58 -9.62 -31.06
N ALA A 41 22.10 -10.83 -31.24
CA ALA A 41 23.49 -11.13 -30.94
C ALA A 41 23.88 -12.57 -31.35
N GLU A 42 25.19 -12.82 -31.44
CA GLU A 42 25.70 -14.07 -31.98
C GLU A 42 25.42 -15.24 -31.04
N ASN A 43 25.64 -15.04 -29.74
CA ASN A 43 25.26 -16.02 -28.72
C ASN A 43 24.47 -15.37 -27.60
N PRO A 44 23.20 -15.02 -27.87
CA PRO A 44 22.39 -14.32 -26.87
C PRO A 44 22.24 -15.15 -25.60
N ARG A 45 22.27 -14.48 -24.46
CA ARG A 45 22.05 -15.13 -23.16
C ARG A 45 21.26 -14.20 -22.25
N TYR A 46 20.56 -14.79 -21.27
CA TYR A 46 19.96 -13.99 -20.20
C TYR A 46 21.09 -13.39 -19.38
N GLU A 47 20.90 -12.16 -18.90
CA GLU A 47 21.98 -11.41 -18.25
C GLU A 47 21.49 -10.55 -17.09
N PRO A 48 22.35 -10.40 -16.07
CA PRO A 48 22.00 -9.56 -14.92
C PRO A 48 21.95 -8.07 -15.27
N ARG A 49 20.92 -7.38 -14.82
CA ARG A 49 20.83 -5.93 -15.00
C ARG A 49 21.00 -5.19 -13.68
N ALA A 50 21.18 -5.93 -12.61
CA ALA A 50 21.54 -5.33 -11.32
C ALA A 50 22.58 -6.21 -10.66
N ARG A 51 23.60 -5.59 -10.07
CA ARG A 51 24.78 -6.30 -9.58
C ARG A 51 24.42 -7.42 -8.59
N TRP A 52 23.35 -7.22 -7.84
CA TRP A 52 22.93 -8.22 -6.84
C TRP A 52 22.48 -9.56 -7.45
N MET A 53 22.28 -9.57 -8.76
CA MET A 53 21.88 -10.79 -9.43
C MET A 53 23.09 -11.61 -9.87
N GLU A 54 24.26 -10.99 -9.84
CA GLU A 54 25.49 -11.71 -10.19
C GLU A 54 25.78 -12.75 -9.10
N GLN A 55 25.05 -12.62 -8.00
CA GLN A 55 25.06 -13.59 -6.93
C GLN A 55 24.55 -14.96 -7.40
N GLU A 56 23.76 -14.98 -8.48
CA GLU A 56 23.23 -16.23 -9.04
C GLU A 56 24.28 -16.88 -9.90
N GLY A 57 24.29 -18.22 -9.93
CA GLY A 57 25.35 -18.97 -10.58
C GLY A 57 25.07 -19.39 -12.00
N PRO A 58 26.13 -19.67 -12.77
CA PRO A 58 26.07 -20.00 -14.20
C PRO A 58 25.02 -21.04 -14.53
N GLU A 59 24.60 -21.81 -13.53
CA GLU A 59 23.54 -22.79 -13.70
C GLU A 59 22.22 -22.09 -13.95
N TYR A 60 21.96 -21.08 -13.12
CA TYR A 60 20.73 -20.30 -13.21
C TYR A 60 20.64 -19.58 -14.56
N TRP A 61 21.74 -18.97 -14.98
CA TRP A 61 21.77 -18.21 -16.22
C TRP A 61 21.52 -19.09 -17.42
N GLU A 62 22.14 -20.26 -17.39
CA GLU A 62 22.02 -21.20 -18.49
C GLU A 62 20.55 -21.52 -18.67
N ARG A 63 19.88 -21.77 -17.54
CA ARG A 63 18.52 -22.28 -17.53
C ARG A 63 17.52 -21.21 -17.98
N GLU A 64 17.71 -19.99 -17.53
CA GLU A 64 16.88 -18.90 -18.01
C GLU A 64 17.15 -18.64 -19.49
N THR A 65 18.43 -18.65 -19.88
CA THR A 65 18.79 -18.47 -21.29
C THR A 65 18.08 -19.48 -22.18
N GLN A 66 18.04 -20.74 -21.76
CA GLN A 66 17.48 -21.77 -22.62
C GLN A 66 15.97 -21.62 -22.72
N LYS A 67 15.34 -21.29 -21.59
CA LYS A 67 13.92 -20.94 -21.58
C LYS A 67 13.62 -19.81 -22.58
N ALA A 68 14.39 -18.72 -22.51
CA ALA A 68 14.19 -17.52 -23.35
C ALA A 68 14.33 -17.82 -24.84
N LYS A 69 15.28 -18.68 -25.19
CA LYS A 69 15.48 -19.05 -26.59
C LYS A 69 14.31 -19.89 -27.05
N GLY A 70 13.77 -20.71 -26.16
CA GLY A 70 12.60 -21.49 -26.49
C GLY A 70 11.44 -20.54 -26.78
N ASN A 71 11.25 -19.59 -25.88
CA ASN A 71 10.15 -18.64 -25.96
C ASN A 71 10.25 -17.82 -27.24
N GLU A 72 11.47 -17.38 -27.54
CA GLU A 72 11.76 -16.66 -28.77
C GLU A 72 11.17 -17.37 -29.97
N GLN A 73 11.59 -18.61 -30.21
CA GLN A 73 11.14 -19.33 -31.40
C GLN A 73 9.63 -19.58 -31.36
N SER A 74 9.09 -19.77 -30.18
CA SER A 74 7.65 -19.97 -30.06
C SER A 74 6.91 -18.72 -30.52
N PHE A 75 7.37 -17.55 -30.05
CA PHE A 75 6.80 -16.26 -30.48
C PHE A 75 6.95 -16.01 -31.98
N ARG A 76 8.04 -16.51 -32.56
CA ARG A 76 8.25 -16.46 -34.00
C ARG A 76 7.12 -17.13 -34.76
N VAL A 77 6.67 -18.29 -34.26
CA VAL A 77 5.52 -18.97 -34.84
C VAL A 77 4.27 -18.14 -34.61
N ASP A 78 4.12 -17.64 -33.38
CA ASP A 78 2.94 -16.84 -33.02
C ASP A 78 2.75 -15.71 -34.02
N LEU A 79 3.84 -15.17 -34.52
CA LEU A 79 3.79 -14.10 -35.50
C LEU A 79 3.22 -14.57 -36.83
N ARG A 80 3.67 -15.72 -37.32
CA ARG A 80 3.07 -16.31 -38.50
C ARG A 80 1.60 -16.68 -38.22
N THR A 81 1.34 -17.25 -37.05
CA THR A 81 -0.03 -17.59 -36.71
C THR A 81 -0.90 -16.34 -36.82
N LEU A 82 -0.47 -15.26 -36.19
CA LEU A 82 -1.30 -14.06 -36.10
C LEU A 82 -1.62 -13.47 -37.45
N LEU A 83 -0.64 -13.47 -38.37
CA LEU A 83 -0.91 -13.05 -39.74
C LEU A 83 -2.15 -13.77 -40.30
N GLY A 84 -2.23 -15.07 -40.03
CA GLY A 84 -3.37 -15.87 -40.40
C GLY A 84 -4.66 -15.34 -39.81
N TYR A 85 -4.79 -15.41 -38.48
CA TYR A 85 -5.98 -14.90 -37.81
C TYR A 85 -6.47 -13.61 -38.45
N TYR A 86 -5.55 -12.66 -38.63
CA TYR A 86 -5.90 -11.33 -39.11
C TYR A 86 -5.92 -11.16 -40.63
N ASN A 87 -5.56 -12.21 -41.38
CA ASN A 87 -5.58 -12.13 -42.84
C ASN A 87 -4.62 -11.03 -43.32
N GLN A 88 -3.41 -11.04 -42.78
CA GLN A 88 -2.45 -9.98 -43.05
C GLN A 88 -1.33 -10.38 -44.01
N SER A 89 -0.75 -9.38 -44.67
CA SER A 89 0.39 -9.59 -45.54
C SER A 89 1.54 -10.26 -44.81
N LYS A 90 2.34 -11.04 -45.53
CA LYS A 90 3.55 -11.61 -44.95
C LYS A 90 4.72 -10.64 -45.02
N GLY A 91 4.45 -9.41 -45.48
CA GLY A 91 5.48 -8.40 -45.65
C GLY A 91 5.63 -7.34 -44.55
N GLY A 92 4.56 -7.05 -43.84
CA GLY A 92 4.59 -6.01 -42.82
C GLY A 92 5.32 -6.39 -41.55
N SER A 93 5.83 -5.38 -40.84
CA SER A 93 6.35 -5.59 -39.50
C SER A 93 5.25 -5.62 -38.44
N HIS A 94 5.25 -6.65 -37.61
CA HIS A 94 4.24 -6.75 -36.55
C HIS A 94 4.85 -7.01 -35.17
N THR A 95 4.12 -6.64 -34.13
CA THR A 95 4.64 -6.68 -32.76
C THR A 95 3.75 -7.47 -31.81
N ILE A 96 4.32 -8.45 -31.10
CA ILE A 96 3.57 -9.09 -30.03
C ILE A 96 4.19 -8.65 -28.73
N GLN A 97 3.36 -8.24 -27.78
CA GLN A 97 3.88 -7.94 -26.46
C GLN A 97 3.21 -8.75 -25.37
N VAL A 98 3.95 -9.06 -24.31
CA VAL A 98 3.37 -9.73 -23.17
C VAL A 98 3.86 -9.10 -21.88
N ILE A 99 2.92 -8.87 -20.97
CA ILE A 99 3.25 -8.50 -19.60
C ILE A 99 2.67 -9.53 -18.65
N SER A 100 3.52 -10.17 -17.85
CA SER A 100 3.04 -11.18 -16.93
C SER A 100 3.84 -11.19 -15.64
N GLY A 101 3.20 -11.54 -14.53
CA GLY A 101 3.89 -11.58 -13.26
C GLY A 101 3.01 -11.73 -12.04
N CYS A 102 3.62 -11.44 -10.90
CA CYS A 102 2.97 -11.61 -9.61
C CYS A 102 3.37 -10.49 -8.67
N GLU A 103 2.39 -9.99 -7.92
CA GLU A 103 2.66 -9.07 -6.83
C GLU A 103 2.18 -9.65 -5.50
N VAL A 104 3.02 -9.49 -4.48
CA VAL A 104 2.77 -10.06 -3.15
C VAL A 104 2.74 -8.98 -2.08
N GLY A 105 2.10 -9.29 -0.94
CA GLY A 105 2.02 -8.37 0.17
C GLY A 105 3.23 -8.39 1.09
N SER A 106 3.20 -7.55 2.12
CA SER A 106 4.30 -7.50 3.09
C SER A 106 4.52 -8.86 3.76
N ASP A 107 3.51 -9.72 3.68
CA ASP A 107 3.55 -11.02 4.33
C ASP A 107 4.06 -12.09 3.36
N GLY A 108 4.53 -11.64 2.20
CA GLY A 108 5.07 -12.54 1.20
C GLY A 108 4.03 -13.28 0.38
N ARG A 109 2.75 -13.03 0.67
CA ARG A 109 1.66 -13.74 -0.02
C ARG A 109 1.12 -13.08 -1.28
N LEU A 110 0.60 -13.91 -2.18
CA LEU A 110 0.07 -13.46 -3.48
C LEU A 110 -1.10 -12.47 -3.39
N LEU A 111 -0.82 -11.20 -3.65
CA LEU A 111 -1.86 -10.21 -3.78
C LEU A 111 -2.61 -10.33 -5.12
N ARG A 112 -1.92 -10.78 -6.16
CA ARG A 112 -2.46 -10.71 -7.52
C ARG A 112 -1.58 -11.46 -8.51
N GLY A 113 -2.20 -12.17 -9.44
CA GLY A 113 -1.48 -12.78 -10.54
C GLY A 113 -2.05 -12.32 -11.87
N TYR A 114 -1.20 -12.08 -12.86
CA TYR A 114 -1.72 -11.63 -14.16
C TYR A 114 -0.83 -12.00 -15.36
N GLN A 115 -1.45 -12.03 -16.53
CA GLN A 115 -0.73 -12.15 -17.81
C GLN A 115 -1.56 -11.56 -18.94
N GLN A 116 -1.05 -10.53 -19.62
CA GLN A 116 -1.80 -9.94 -20.72
C GLN A 116 -1.01 -9.78 -22.01
N TYR A 117 -1.69 -9.96 -23.14
CA TYR A 117 -1.05 -9.95 -24.44
C TYR A 117 -1.55 -8.79 -25.27
N ALA A 118 -0.70 -8.29 -26.14
CA ALA A 118 -1.08 -7.28 -27.14
C ALA A 118 -0.38 -7.50 -28.49
N TYR A 119 -1.14 -7.33 -29.56
CA TYR A 119 -0.65 -7.40 -30.93
C TYR A 119 -0.71 -5.99 -31.53
N ASP A 120 0.39 -5.56 -32.14
CA ASP A 120 0.47 -4.25 -32.75
C ASP A 120 -0.07 -3.12 -31.85
N GLY A 121 0.20 -3.24 -30.56
CA GLY A 121 -0.13 -2.17 -29.62
C GLY A 121 -1.55 -2.14 -29.11
N CYS A 122 -2.35 -3.16 -29.43
CA CYS A 122 -3.69 -3.27 -28.86
C CYS A 122 -3.85 -4.54 -28.03
N ASP A 123 -4.62 -4.45 -26.94
CA ASP A 123 -4.91 -5.60 -26.07
C ASP A 123 -5.38 -6.80 -26.88
N TYR A 124 -4.93 -7.99 -26.51
CA TYR A 124 -5.30 -9.18 -27.28
C TYR A 124 -6.06 -10.17 -26.40
N ILE A 125 -5.41 -10.64 -25.35
CA ILE A 125 -6.01 -11.59 -24.43
C ILE A 125 -5.44 -11.37 -23.03
N ALA A 126 -6.14 -11.86 -22.01
CA ALA A 126 -5.65 -11.72 -20.64
C ALA A 126 -6.25 -12.77 -19.77
N LEU A 127 -5.45 -13.23 -18.82
CA LEU A 127 -5.93 -14.11 -17.76
C LEU A 127 -6.68 -13.21 -16.80
N ASN A 128 -7.93 -13.55 -16.54
CA ASN A 128 -8.74 -12.75 -15.64
C ASN A 128 -8.22 -12.81 -14.21
N GLU A 129 -8.67 -11.87 -13.38
CA GLU A 129 -8.23 -11.83 -11.99
C GLU A 129 -8.41 -13.19 -11.31
N ASP A 130 -9.44 -13.93 -11.73
CA ASP A 130 -9.75 -15.22 -11.13
C ASP A 130 -8.74 -16.31 -11.50
N LEU A 131 -7.62 -15.91 -12.11
CA LEU A 131 -6.55 -16.85 -12.47
C LEU A 131 -7.00 -18.15 -13.14
N LYS A 132 -8.23 -18.21 -13.64
CA LYS A 132 -8.75 -19.46 -14.20
C LYS A 132 -9.34 -19.31 -15.60
N THR A 133 -9.82 -18.10 -15.89
CA THR A 133 -10.51 -17.83 -17.16
C THR A 133 -9.85 -16.71 -17.95
N TRP A 134 -10.19 -16.64 -19.24
CA TRP A 134 -9.59 -15.67 -20.14
C TRP A 134 -10.60 -14.65 -20.66
N THR A 135 -10.17 -13.40 -20.82
CA THR A 135 -10.91 -12.44 -21.63
C THR A 135 -10.23 -12.18 -22.99
N ALA A 136 -10.85 -12.65 -24.07
CA ALA A 136 -10.36 -12.31 -25.41
C ALA A 136 -10.81 -10.90 -25.77
N ALA A 137 -9.92 -10.11 -26.37
CA ALA A 137 -10.22 -8.71 -26.64
C ALA A 137 -10.87 -8.47 -28.01
N ASP A 138 -10.67 -9.41 -28.92
CA ASP A 138 -11.39 -9.39 -30.20
C ASP A 138 -11.66 -10.81 -30.70
N MET A 139 -11.93 -10.94 -31.98
CA MET A 139 -12.42 -12.20 -32.52
C MET A 139 -11.28 -13.17 -32.79
N ALA A 140 -10.15 -12.66 -33.24
CA ALA A 140 -8.99 -13.53 -33.47
C ALA A 140 -8.58 -14.15 -32.15
N ALA A 141 -8.61 -13.35 -31.09
CA ALA A 141 -8.23 -13.78 -29.75
C ALA A 141 -9.13 -14.89 -29.23
N LEU A 142 -10.39 -14.91 -29.66
CA LEU A 142 -11.32 -15.95 -29.24
C LEU A 142 -10.82 -17.32 -29.69
N ILE A 143 -10.06 -17.33 -30.78
CA ILE A 143 -9.47 -18.56 -31.31
C ILE A 143 -8.41 -19.09 -30.38
N THR A 144 -7.62 -18.17 -29.81
CA THR A 144 -6.63 -18.52 -28.81
C THR A 144 -7.29 -18.87 -27.48
N LYS A 145 -8.31 -18.10 -27.11
CA LYS A 145 -9.05 -18.35 -25.88
C LYS A 145 -9.51 -19.79 -25.87
N HIS A 146 -10.19 -20.19 -26.94
CA HIS A 146 -10.66 -21.56 -27.07
C HIS A 146 -9.52 -22.57 -27.20
N LYS A 147 -8.38 -22.14 -27.73
CA LYS A 147 -7.25 -23.05 -27.88
C LYS A 147 -6.60 -23.26 -26.53
N TRP A 148 -6.55 -22.20 -25.72
CA TRP A 148 -5.91 -22.31 -24.42
C TRP A 148 -6.83 -22.99 -23.41
N GLU A 149 -8.09 -23.15 -23.77
CA GLU A 149 -9.05 -23.86 -22.93
C GLU A 149 -8.97 -25.35 -23.21
N GLN A 150 -8.97 -25.68 -24.50
CA GLN A 150 -8.88 -27.06 -24.97
C GLN A 150 -7.51 -27.68 -24.72
N ALA A 151 -6.70 -27.00 -23.91
CA ALA A 151 -5.36 -27.50 -23.58
C ALA A 151 -5.02 -27.25 -22.12
N GLY A 152 -6.00 -26.78 -21.36
CA GLY A 152 -5.78 -26.43 -19.96
C GLY A 152 -4.47 -25.70 -19.73
N GLU A 153 -4.47 -24.41 -20.03
CA GLU A 153 -3.30 -23.58 -19.76
C GLU A 153 -3.63 -22.51 -18.72
N ALA A 154 -4.92 -22.40 -18.40
CA ALA A 154 -5.36 -21.54 -17.31
C ALA A 154 -5.04 -22.17 -15.96
N GLU A 155 -4.74 -23.47 -15.97
CA GLU A 155 -4.39 -24.16 -14.73
C GLU A 155 -2.88 -24.27 -14.62
N ARG A 156 -2.21 -24.43 -15.75
CA ARG A 156 -0.76 -24.53 -15.78
C ARG A 156 -0.10 -23.21 -15.40
N LEU A 157 -0.71 -22.11 -15.84
CA LEU A 157 -0.16 -20.80 -15.57
C LEU A 157 -0.51 -20.37 -14.16
N ARG A 158 -1.55 -21.00 -13.60
CA ARG A 158 -1.97 -20.72 -12.22
C ARG A 158 -0.94 -21.25 -11.21
N ALA A 159 -0.26 -22.32 -11.58
CA ALA A 159 0.79 -22.86 -10.75
C ALA A 159 2.00 -21.94 -10.75
N TYR A 160 2.36 -21.44 -11.93
CA TYR A 160 3.52 -20.57 -12.05
C TYR A 160 3.34 -19.33 -11.19
N LEU A 161 2.28 -18.59 -11.45
CA LEU A 161 2.03 -17.32 -10.76
C LEU A 161 1.93 -17.46 -9.24
N GLU A 162 1.48 -18.62 -8.75
CA GLU A 162 1.30 -18.79 -7.32
C GLU A 162 2.51 -19.48 -6.69
N GLY A 163 3.15 -20.34 -7.48
CA GLY A 163 4.27 -21.14 -7.00
C GLY A 163 5.60 -20.48 -7.28
N THR A 164 6.28 -20.95 -8.32
CA THR A 164 7.63 -20.51 -8.66
C THR A 164 7.79 -18.99 -8.75
N CYS A 165 6.80 -18.32 -9.32
CA CYS A 165 6.81 -16.88 -9.41
C CYS A 165 6.99 -16.23 -8.03
N VAL A 166 6.08 -16.54 -7.11
CA VAL A 166 6.12 -16.01 -5.76
C VAL A 166 7.37 -16.41 -5.02
N GLU A 167 7.81 -17.65 -5.22
CA GLU A 167 8.97 -18.18 -4.50
C GLU A 167 10.21 -17.45 -4.93
N TRP A 168 10.42 -17.36 -6.23
CA TRP A 168 11.60 -16.72 -6.76
C TRP A 168 11.56 -15.23 -6.43
N LEU A 169 10.37 -14.64 -6.44
CA LEU A 169 10.27 -13.26 -6.00
C LEU A 169 10.86 -13.10 -4.60
N ARG A 170 10.66 -14.10 -3.74
CA ARG A 170 11.22 -14.05 -2.40
C ARG A 170 12.73 -14.22 -2.44
N ARG A 171 13.20 -15.10 -3.31
CA ARG A 171 14.63 -15.31 -3.46
C ARG A 171 15.29 -14.04 -4.00
N TYR A 172 14.57 -13.35 -4.86
CA TYR A 172 15.11 -12.17 -5.52
C TYR A 172 15.23 -11.01 -4.53
N LEU A 173 14.13 -10.67 -3.86
CA LEU A 173 14.13 -9.61 -2.86
C LEU A 173 15.22 -9.86 -1.84
N LYS A 174 15.41 -11.14 -1.53
CA LYS A 174 16.41 -11.57 -0.56
C LYS A 174 17.73 -10.83 -0.83
N ASN A 175 18.28 -11.05 -2.00
CA ASN A 175 19.61 -10.53 -2.31
C ASN A 175 19.61 -9.07 -2.77
N GLY A 176 18.47 -8.59 -3.24
CA GLY A 176 18.40 -7.24 -3.77
C GLY A 176 17.79 -6.19 -2.86
N ASN A 177 17.29 -6.59 -1.70
CA ASN A 177 16.51 -5.66 -0.90
C ASN A 177 17.26 -4.44 -0.42
N ALA A 178 18.56 -4.60 -0.17
CA ALA A 178 19.33 -3.49 0.35
C ALA A 178 19.53 -2.45 -0.75
N THR A 179 19.68 -2.91 -1.98
CA THR A 179 19.85 -1.98 -3.08
C THR A 179 18.49 -1.38 -3.46
N LEU A 180 17.47 -2.23 -3.50
CA LEU A 180 16.13 -1.76 -3.87
C LEU A 180 15.62 -0.61 -3.02
N LEU A 181 15.82 -0.72 -1.71
CA LEU A 181 15.30 0.26 -0.76
C LEU A 181 15.95 1.62 -0.89
N ARG A 182 16.96 1.71 -1.75
CA ARG A 182 17.73 2.95 -1.89
C ARG A 182 16.82 4.15 -2.15
N THR A 183 17.28 5.30 -1.67
CA THR A 183 16.49 6.50 -1.84
C THR A 183 17.39 7.70 -2.01
N ASP A 184 17.13 8.48 -3.05
CA ASP A 184 17.85 9.73 -3.27
C ASP A 184 16.86 10.86 -3.15
N SER A 185 17.11 11.78 -2.24
CA SER A 185 16.15 12.87 -2.02
C SER A 185 16.28 13.94 -3.07
N PRO A 186 15.14 14.54 -3.45
CA PRO A 186 15.18 15.65 -4.40
C PRO A 186 15.88 16.85 -3.81
N LYS A 187 16.58 17.60 -4.66
CA LYS A 187 17.06 18.91 -4.32
C LYS A 187 16.26 19.86 -5.17
N ALA A 188 15.72 20.90 -4.55
CA ALA A 188 14.76 21.73 -5.24
C ALA A 188 15.21 23.17 -5.20
N HIS A 189 14.75 23.95 -6.16
CA HIS A 189 15.05 25.37 -6.24
C HIS A 189 14.13 25.98 -7.25
N VAL A 190 13.91 27.28 -7.10
CA VAL A 190 12.95 28.00 -7.90
C VAL A 190 13.64 28.96 -8.86
N THR A 191 13.29 28.87 -10.14
CA THR A 191 13.79 29.84 -11.11
C THR A 191 12.73 30.85 -11.48
N HIS A 192 13.20 31.99 -12.01
CA HIS A 192 12.38 33.15 -12.36
C HIS A 192 12.58 33.51 -13.83
N HIS A 193 11.49 33.68 -14.57
CA HIS A 193 11.56 33.93 -16.01
C HIS A 193 10.53 34.98 -16.38
N SER A 194 10.85 35.78 -17.39
CA SER A 194 9.95 36.84 -17.87
C SER A 194 8.75 36.36 -18.66
N ARG A 195 7.92 37.33 -19.04
CA ARG A 195 6.65 37.08 -19.64
C ARG A 195 6.12 38.41 -20.15
N PRO A 196 5.38 38.41 -21.27
CA PRO A 196 4.85 39.70 -21.75
C PRO A 196 4.19 40.51 -20.63
N GLU A 197 4.25 41.83 -20.76
CA GLU A 197 3.59 42.72 -19.82
C GLU A 197 3.99 42.43 -18.37
N ASP A 198 2.98 42.48 -17.49
CA ASP A 198 3.21 42.52 -16.05
C ASP A 198 3.12 41.16 -15.37
N LYS A 199 3.34 40.10 -16.16
CA LYS A 199 3.36 38.74 -15.63
C LYS A 199 4.76 38.15 -15.64
N VAL A 200 5.00 37.20 -14.74
CA VAL A 200 6.25 36.45 -14.73
C VAL A 200 6.00 34.97 -14.46
N THR A 201 7.01 34.15 -14.72
CA THR A 201 6.90 32.72 -14.53
C THR A 201 7.83 32.23 -13.42
N LEU A 202 7.27 31.40 -12.54
CA LEU A 202 8.00 30.83 -11.42
C LEU A 202 8.08 29.32 -11.59
N ARG A 203 9.30 28.79 -11.64
CA ARG A 203 9.48 27.37 -11.91
C ARG A 203 10.15 26.62 -10.77
N CYS A 204 9.44 25.65 -10.22
CA CYS A 204 9.99 24.86 -9.13
C CYS A 204 10.65 23.59 -9.66
N TRP A 205 11.95 23.49 -9.48
CA TRP A 205 12.71 22.35 -9.98
C TRP A 205 12.93 21.35 -8.86
N ALA A 206 12.86 20.08 -9.18
CA ALA A 206 13.27 19.04 -8.27
C ALA A 206 14.24 18.16 -9.03
N LEU A 207 15.47 18.05 -8.54
CA LEU A 207 16.52 17.32 -9.24
C LEU A 207 17.09 16.16 -8.42
N GLY A 208 17.59 15.14 -9.11
CA GLY A 208 18.42 14.12 -8.51
C GLY A 208 17.73 13.16 -7.56
N PHE A 209 16.43 12.95 -7.77
CA PHE A 209 15.69 12.10 -6.84
C PHE A 209 15.43 10.71 -7.40
N TYR A 210 15.47 9.73 -6.49
CA TYR A 210 15.06 8.35 -6.78
C TYR A 210 14.27 7.86 -5.57
N PRO A 211 13.15 7.16 -5.82
CA PRO A 211 12.70 6.87 -7.20
C PRO A 211 11.88 8.02 -7.80
N ALA A 212 11.34 7.78 -8.99
CA ALA A 212 10.79 8.81 -9.83
C ALA A 212 9.48 9.37 -9.27
N ASP A 213 8.89 8.61 -8.36
CA ASP A 213 7.62 9.00 -7.76
C ASP A 213 7.86 10.26 -6.94
N ILE A 214 7.13 11.31 -7.26
CA ILE A 214 7.33 12.59 -6.59
C ILE A 214 6.12 13.44 -6.82
N THR A 215 5.91 14.43 -5.97
CA THR A 215 4.83 15.38 -6.17
C THR A 215 5.21 16.84 -5.91
N LEU A 216 4.86 17.71 -6.86
CA LEU A 216 5.13 19.14 -6.75
C LEU A 216 3.84 19.93 -6.75
N THR A 217 3.76 20.94 -5.88
CA THR A 217 2.61 21.83 -5.85
C THR A 217 3.06 23.28 -5.73
N TRP A 218 2.13 24.19 -6.06
CA TRP A 218 2.32 25.62 -5.84
C TRP A 218 1.17 26.14 -5.00
N GLN A 219 1.47 27.06 -4.11
CA GLN A 219 0.46 27.58 -3.21
C GLN A 219 0.43 29.11 -3.21
N LEU A 220 -0.75 29.65 -3.48
CA LEU A 220 -1.06 31.05 -3.21
C LEU A 220 -1.58 31.16 -1.78
N ASN A 221 -0.68 31.58 -0.87
CA ASN A 221 -1.01 31.78 0.54
C ASN A 221 -1.64 30.56 1.23
N GLY A 222 -1.05 29.38 1.03
CA GLY A 222 -1.59 28.15 1.58
C GLY A 222 -2.90 27.71 0.94
N GLU A 223 -2.78 27.13 -0.25
CA GLU A 223 -3.92 26.70 -1.04
C GLU A 223 -3.36 26.29 -2.39
N GLU A 224 -3.61 25.05 -2.82
CA GLU A 224 -2.99 24.58 -4.06
C GLU A 224 -3.69 25.13 -5.30
N LEU A 225 -2.89 25.43 -6.31
CA LEU A 225 -3.37 26.18 -7.46
C LEU A 225 -4.19 25.38 -8.48
N ILE A 226 -3.84 24.13 -8.70
CA ILE A 226 -4.50 23.31 -9.72
C ILE A 226 -4.56 24.07 -11.04
N GLN A 227 -5.74 24.63 -11.32
CA GLN A 227 -5.96 25.44 -12.53
C GLN A 227 -4.68 26.13 -13.02
N ASP A 228 -4.42 25.96 -14.33
CA ASP A 228 -3.26 26.56 -15.02
C ASP A 228 -1.90 26.61 -14.30
N MET A 229 -1.60 25.57 -13.53
CA MET A 229 -0.23 25.29 -13.13
C MET A 229 0.35 24.36 -14.21
N GLU A 230 1.51 24.70 -14.75
CA GLU A 230 2.11 23.88 -15.81
C GLU A 230 3.22 22.97 -15.28
N LEU A 231 3.38 21.79 -15.89
CA LEU A 231 4.40 20.85 -15.43
C LEU A 231 4.88 19.96 -16.57
N VAL A 232 6.03 19.33 -16.39
CA VAL A 232 6.46 18.28 -17.31
C VAL A 232 6.43 16.92 -16.67
N GLU A 233 6.40 15.87 -17.49
CA GLU A 233 6.43 14.52 -16.99
C GLU A 233 7.77 14.24 -16.31
N THR A 234 7.76 13.36 -15.30
CA THR A 234 8.99 12.99 -14.60
C THR A 234 9.87 12.32 -15.62
N ARG A 235 11.16 12.67 -15.61
CA ARG A 235 12.06 12.30 -16.70
C ARG A 235 13.45 11.96 -16.17
N PRO A 236 14.15 11.01 -16.82
CA PRO A 236 15.43 10.55 -16.28
C PRO A 236 16.62 11.47 -16.56
N ALA A 237 17.42 11.72 -15.53
CA ALA A 237 18.64 12.49 -15.64
C ALA A 237 19.64 11.73 -16.51
N GLY A 238 19.48 10.42 -16.54
CA GLY A 238 20.36 9.56 -17.31
C GLY A 238 21.36 8.85 -16.41
N ASP A 239 21.42 9.30 -15.15
CA ASP A 239 22.37 8.76 -14.19
C ASP A 239 21.72 7.91 -13.09
N GLY A 240 20.48 7.46 -13.31
CA GLY A 240 19.74 6.73 -12.31
C GLY A 240 18.72 7.57 -11.55
N THR A 241 18.87 8.89 -11.58
CA THR A 241 17.95 9.79 -10.88
C THR A 241 16.94 10.49 -11.81
N PHE A 242 16.01 11.24 -11.21
CA PHE A 242 14.92 11.82 -11.99
C PHE A 242 14.78 13.32 -11.83
N GLN A 243 13.86 13.89 -12.59
CA GLN A 243 13.71 15.33 -12.69
C GLN A 243 12.25 15.66 -12.88
N LYS A 244 11.76 16.69 -12.19
CA LYS A 244 10.48 17.26 -12.51
C LYS A 244 10.45 18.76 -12.20
N TRP A 245 9.59 19.51 -12.89
CA TRP A 245 9.31 20.85 -12.45
C TRP A 245 7.83 21.18 -12.55
N ALA A 246 7.45 22.28 -11.93
CA ALA A 246 6.10 22.79 -12.05
C ALA A 246 6.20 24.31 -12.02
N SER A 247 5.36 24.96 -12.79
CA SER A 247 5.51 26.39 -12.95
C SER A 247 4.18 27.10 -12.85
N VAL A 248 4.23 28.35 -12.39
CA VAL A 248 3.06 29.20 -12.39
C VAL A 248 3.38 30.55 -12.99
N VAL A 249 2.37 31.13 -13.64
CA VAL A 249 2.46 32.51 -14.10
C VAL A 249 1.83 33.34 -12.99
N VAL A 250 2.60 34.24 -12.41
CA VAL A 250 2.09 35.08 -11.33
C VAL A 250 2.23 36.56 -11.69
N PRO A 251 1.63 37.45 -10.88
CA PRO A 251 1.82 38.87 -11.18
C PRO A 251 3.19 39.39 -10.74
N LEU A 252 3.84 40.14 -11.62
CA LEU A 252 5.05 40.89 -11.28
C LEU A 252 4.88 41.60 -9.93
N GLY A 253 5.83 41.37 -9.02
CA GLY A 253 5.79 41.97 -7.70
C GLY A 253 5.05 41.19 -6.62
N LYS A 254 4.35 40.13 -7.03
CA LYS A 254 3.57 39.32 -6.10
C LYS A 254 4.19 37.95 -5.90
N GLU A 255 5.48 37.83 -6.17
CA GLU A 255 6.16 36.54 -6.14
C GLU A 255 6.29 35.97 -4.74
N GLN A 256 6.44 36.84 -3.75
CA GLN A 256 6.62 36.37 -2.38
C GLN A 256 5.34 35.84 -1.76
N TYR A 257 4.25 35.92 -2.51
CA TYR A 257 2.99 35.31 -2.07
C TYR A 257 2.94 33.81 -2.39
N TYR A 258 3.93 33.29 -3.11
CA TYR A 258 3.81 31.95 -3.66
C TYR A 258 4.79 30.96 -3.09
N THR A 259 4.32 29.74 -2.88
CA THR A 259 5.13 28.73 -2.24
C THR A 259 5.10 27.40 -2.98
N CYS A 260 6.24 26.77 -3.07
CA CYS A 260 6.34 25.52 -3.79
C CYS A 260 6.54 24.38 -2.81
N HIS A 261 5.85 23.27 -3.05
CA HIS A 261 6.02 22.12 -2.17
C HIS A 261 6.49 20.88 -2.91
N VAL A 262 7.46 20.21 -2.29
CA VAL A 262 8.01 18.98 -2.84
C VAL A 262 7.77 17.82 -1.91
N TYR A 263 6.87 16.93 -2.30
CA TYR A 263 6.60 15.72 -1.56
C TYR A 263 7.30 14.53 -2.21
N HIS A 264 8.30 14.00 -1.52
CA HIS A 264 9.00 12.78 -1.99
C HIS A 264 9.28 11.82 -0.84
N GLN A 265 9.40 10.53 -1.15
CA GLN A 265 9.53 9.52 -0.09
C GLN A 265 10.83 9.57 0.67
N GLY A 266 11.84 10.23 0.11
CA GLY A 266 13.12 10.33 0.80
C GLY A 266 13.20 11.49 1.77
N LEU A 267 12.19 12.34 1.76
CA LEU A 267 12.24 13.54 2.59
C LEU A 267 11.69 13.29 3.99
N PRO A 268 12.42 13.75 5.02
CA PRO A 268 11.97 13.76 6.42
C PRO A 268 10.63 14.47 6.52
N GLU A 269 10.49 15.51 5.71
CA GLU A 269 9.23 16.22 5.56
C GLU A 269 9.24 16.97 4.24
N PRO A 270 8.05 17.26 3.69
CA PRO A 270 8.01 18.03 2.44
C PRO A 270 8.93 19.24 2.48
N LEU A 271 9.52 19.56 1.34
CA LEU A 271 10.28 20.78 1.19
C LEU A 271 9.31 21.91 0.93
N THR A 272 9.64 23.09 1.44
CA THR A 272 8.89 24.29 1.11
C THR A 272 9.86 25.31 0.55
N LEU A 273 9.54 25.89 -0.60
CA LEU A 273 10.47 26.80 -1.28
C LEU A 273 9.81 28.05 -1.80
N ARG A 274 10.61 29.11 -1.85
N ARG A 274 10.59 29.12 -1.85
CA ARG A 274 10.17 30.39 -2.37
CA ARG A 274 10.10 30.36 -2.43
C ARG A 274 11.15 30.86 -3.44
C ARG A 274 11.13 30.95 -3.38
N TRP A 275 10.65 31.60 -4.42
CA TRP A 275 11.53 32.33 -5.32
C TRP A 275 12.35 33.27 -4.45
N GLU A 276 13.68 33.18 -4.49
CA GLU A 276 14.48 34.19 -3.81
C GLU A 276 15.45 34.97 -4.70
N PRO A 277 15.23 36.30 -4.78
CA PRO A 277 16.01 37.18 -5.65
C PRO A 277 17.33 37.53 -4.98
N PRO A 278 18.46 37.13 -5.58
CA PRO A 278 19.77 37.49 -4.99
C PRO A 278 20.15 38.95 -5.24
N ILE B 1 -3.03 -0.35 -34.55
CA ILE B 1 -3.12 1.10 -34.32
C ILE B 1 -1.76 1.69 -33.88
N GLN B 2 -1.35 2.79 -34.51
CA GLN B 2 -0.07 3.45 -34.20
C GLN B 2 -0.20 4.61 -33.22
N LYS B 3 0.85 4.82 -32.43
CA LYS B 3 0.85 5.87 -31.41
C LYS B 3 2.02 6.84 -31.52
N THR B 4 1.70 8.14 -31.43
CA THR B 4 2.66 9.24 -31.61
C THR B 4 3.59 9.48 -30.43
N PRO B 5 4.91 9.56 -30.70
CA PRO B 5 5.88 9.84 -29.64
C PRO B 5 5.75 11.24 -29.03
N GLN B 6 6.04 11.33 -27.73
CA GLN B 6 6.22 12.60 -27.07
C GLN B 6 7.70 12.71 -26.84
N ILE B 7 8.22 13.94 -26.75
CA ILE B 7 9.66 14.15 -26.68
C ILE B 7 9.95 15.19 -25.65
N GLN B 8 11.00 14.98 -24.86
CA GLN B 8 11.53 16.02 -23.99
C GLN B 8 13.03 16.20 -24.26
N VAL B 9 13.48 17.45 -24.29
CA VAL B 9 14.89 17.76 -24.49
C VAL B 9 15.40 18.61 -23.34
N TYR B 10 16.48 18.18 -22.71
CA TYR B 10 16.89 18.72 -21.41
C TYR B 10 18.22 18.17 -20.89
N SER B 11 18.87 18.96 -20.05
CA SER B 11 20.18 18.57 -19.55
C SER B 11 20.10 17.71 -18.28
N ARG B 12 21.14 16.91 -18.09
CA ARG B 12 21.31 16.15 -16.88
C ARG B 12 21.44 17.09 -15.69
N HIS B 13 22.32 18.07 -15.81
CA HIS B 13 22.51 19.09 -14.79
C HIS B 13 22.05 20.45 -15.31
N PRO B 14 21.82 21.43 -14.41
CA PRO B 14 21.44 22.76 -14.91
C PRO B 14 22.59 23.34 -15.73
N PRO B 15 22.26 23.95 -16.87
CA PRO B 15 23.32 24.38 -17.78
C PRO B 15 24.14 25.53 -17.20
N GLU B 16 25.45 25.49 -17.41
CA GLU B 16 26.30 26.65 -17.18
C GLU B 16 27.24 26.77 -18.37
N ASN B 17 27.10 27.87 -19.11
CA ASN B 17 27.98 28.14 -20.24
C ASN B 17 29.46 27.81 -19.96
N GLY B 18 30.06 27.00 -20.84
CA GLY B 18 31.45 26.61 -20.69
C GLY B 18 31.68 25.36 -19.85
N LYS B 19 30.61 24.77 -19.33
CA LYS B 19 30.74 23.58 -18.47
C LYS B 19 30.16 22.32 -19.11
N PRO B 20 30.98 21.29 -19.19
CA PRO B 20 30.52 20.05 -19.81
C PRO B 20 29.23 19.56 -19.14
N ASN B 21 28.31 19.04 -19.94
CA ASN B 21 27.01 18.59 -19.48
C ASN B 21 26.57 17.42 -20.38
N ILE B 22 25.41 16.83 -20.10
CA ILE B 22 24.87 15.80 -20.98
C ILE B 22 23.50 16.29 -21.43
N LEU B 23 23.23 16.20 -22.72
CA LEU B 23 21.91 16.58 -23.22
C LEU B 23 21.10 15.32 -23.48
N ASN B 24 19.87 15.33 -22.99
CA ASN B 24 18.98 14.18 -23.09
C ASN B 24 17.87 14.40 -24.10
N CYS B 25 17.53 13.34 -24.81
CA CYS B 25 16.30 13.29 -25.57
C CYS B 25 15.50 12.07 -25.07
N TYR B 26 14.35 12.36 -24.49
CA TYR B 26 13.55 11.35 -23.85
C TYR B 26 12.32 11.13 -24.70
N VAL B 27 12.20 9.95 -25.29
CA VAL B 27 11.10 9.71 -26.21
C VAL B 27 10.17 8.63 -25.68
N THR B 28 8.88 8.92 -25.65
CA THR B 28 7.95 8.00 -25.03
C THR B 28 6.65 7.93 -25.79
N GLN B 29 5.80 7.01 -25.36
CA GLN B 29 4.44 6.90 -25.84
C GLN B 29 4.32 6.51 -27.31
N PHE B 30 5.32 5.80 -27.85
CA PHE B 30 5.30 5.50 -29.28
C PHE B 30 5.07 4.02 -29.64
N HIS B 31 4.57 3.79 -30.84
CA HIS B 31 4.23 2.46 -31.31
C HIS B 31 3.92 2.56 -32.80
N PRO B 32 4.57 1.74 -33.63
CA PRO B 32 5.45 0.61 -33.34
C PRO B 32 6.82 0.98 -32.77
N PRO B 33 7.57 -0.02 -32.27
CA PRO B 33 8.86 0.18 -31.61
C PRO B 33 10.01 0.74 -32.47
N HIS B 34 9.90 0.73 -33.80
CA HIS B 34 11.00 1.24 -34.64
C HIS B 34 11.01 2.75 -34.77
N ILE B 35 12.14 3.35 -34.46
CA ILE B 35 12.23 4.79 -34.30
C ILE B 35 13.66 5.27 -34.64
N GLU B 36 13.78 6.44 -35.28
CA GLU B 36 15.09 7.04 -35.58
C GLU B 36 15.23 8.35 -34.85
N ILE B 37 16.30 8.47 -34.07
CA ILE B 37 16.43 9.59 -33.16
C ILE B 37 17.77 10.27 -33.39
N GLN B 38 17.72 11.53 -33.81
CA GLN B 38 18.92 12.34 -34.01
C GLN B 38 18.94 13.51 -33.04
N MET B 39 20.13 13.96 -32.67
CA MET B 39 20.28 15.23 -31.98
C MET B 39 21.15 16.16 -32.85
N LEU B 40 20.84 17.45 -32.84
CA LEU B 40 21.47 18.40 -33.76
C LEU B 40 22.05 19.61 -33.04
N LYS B 41 23.30 19.94 -33.37
CA LYS B 41 23.90 21.18 -32.92
C LYS B 41 23.92 22.16 -34.08
N ASN B 42 23.06 23.18 -33.98
CA ASN B 42 23.03 24.26 -34.95
C ASN B 42 22.70 23.76 -36.34
N GLY B 43 21.64 22.96 -36.45
CA GLY B 43 21.22 22.40 -37.71
C GLY B 43 21.93 21.09 -38.05
N LYS B 44 23.11 20.87 -37.48
CA LYS B 44 23.93 19.73 -37.89
C LYS B 44 23.78 18.49 -37.00
N LYS B 45 23.55 17.34 -37.62
N LYS B 45 23.54 17.35 -37.61
CA LYS B 45 23.39 16.09 -36.89
CA LYS B 45 23.43 16.07 -36.89
C LYS B 45 24.63 15.80 -36.02
C LYS B 45 24.65 15.87 -36.00
N ILE B 46 24.41 15.44 -34.76
CA ILE B 46 25.49 15.11 -33.85
C ILE B 46 25.81 13.63 -34.04
N PRO B 47 27.11 13.32 -34.24
CA PRO B 47 27.49 11.94 -34.56
C PRO B 47 27.44 10.96 -33.38
N LYS B 48 28.10 11.29 -32.26
CA LYS B 48 28.10 10.39 -31.10
C LYS B 48 26.92 10.63 -30.15
N VAL B 49 25.86 9.84 -30.35
CA VAL B 49 24.65 9.94 -29.55
C VAL B 49 24.30 8.55 -29.04
N GLU B 50 24.30 8.38 -27.73
CA GLU B 50 24.01 7.05 -27.18
C GLU B 50 22.54 6.87 -26.87
N MET B 51 22.03 5.69 -27.20
CA MET B 51 20.65 5.30 -26.93
C MET B 51 20.58 4.34 -25.76
N SER B 52 19.66 4.55 -24.83
CA SER B 52 19.38 3.54 -23.82
C SER B 52 18.80 2.31 -24.52
N ASP B 53 18.66 1.21 -23.78
CA ASP B 53 17.93 0.05 -24.27
C ASP B 53 16.45 0.37 -24.29
N MET B 54 15.68 -0.30 -25.14
CA MET B 54 14.28 0.06 -25.23
C MET B 54 13.41 -0.75 -24.33
N SER B 55 12.49 -0.06 -23.67
CA SER B 55 11.52 -0.69 -22.79
C SER B 55 10.11 -0.22 -23.20
N PHE B 56 9.08 -0.91 -22.73
CA PHE B 56 7.72 -0.40 -22.88
C PHE B 56 7.00 -0.33 -21.54
N SER B 57 5.93 0.45 -21.51
CA SER B 57 5.16 0.70 -20.31
C SER B 57 3.96 -0.24 -20.20
N LYS B 58 3.17 -0.09 -19.14
CA LYS B 58 1.99 -0.92 -18.92
C LYS B 58 0.95 -0.72 -20.04
N ASP B 59 0.92 0.47 -20.63
CA ASP B 59 -0.01 0.77 -21.72
C ASP B 59 0.53 0.32 -23.06
N TRP B 60 1.55 -0.52 -23.03
CA TRP B 60 2.16 -1.09 -24.23
C TRP B 60 3.11 -0.17 -25.02
N SER B 61 3.07 1.14 -24.80
CA SER B 61 3.97 2.06 -25.51
C SER B 61 5.47 1.92 -25.15
N PHE B 62 6.31 2.18 -26.15
CA PHE B 62 7.76 2.09 -25.97
C PHE B 62 8.34 3.45 -25.55
N TYR B 63 9.46 3.40 -24.84
CA TYR B 63 10.17 4.61 -24.44
C TYR B 63 11.67 4.39 -24.50
N ILE B 64 12.42 5.47 -24.67
CA ILE B 64 13.85 5.32 -24.83
C ILE B 64 14.55 6.66 -24.62
N LEU B 65 15.70 6.60 -23.95
CA LEU B 65 16.51 7.80 -23.73
C LEU B 65 17.74 7.87 -24.69
N ALA B 66 17.77 8.92 -25.50
CA ALA B 66 18.94 9.26 -26.29
C ALA B 66 19.66 10.38 -25.58
N HIS B 67 20.98 10.41 -25.70
CA HIS B 67 21.75 11.47 -25.05
C HIS B 67 23.14 11.63 -25.68
N THR B 68 23.78 12.76 -25.38
CA THR B 68 25.10 13.05 -25.90
C THR B 68 25.78 14.02 -24.93
N GLU B 69 27.10 14.08 -24.96
CA GLU B 69 27.82 15.10 -24.22
C GLU B 69 27.75 16.42 -24.96
N PHE B 70 27.74 17.51 -24.19
CA PHE B 70 27.85 18.84 -24.78
C PHE B 70 28.35 19.86 -23.76
N THR B 71 28.85 20.98 -24.27
CA THR B 71 29.17 22.12 -23.43
C THR B 71 28.34 23.28 -23.94
N PRO B 72 27.31 23.64 -23.17
CA PRO B 72 26.35 24.67 -23.53
C PRO B 72 27.05 26.00 -23.70
N THR B 73 26.65 26.76 -24.70
CA THR B 73 27.12 28.13 -24.82
C THR B 73 25.90 29.01 -24.81
N GLU B 74 26.10 30.32 -24.93
CA GLU B 74 24.98 31.23 -24.91
C GLU B 74 24.17 31.18 -26.21
N THR B 75 24.83 30.86 -27.32
CA THR B 75 24.16 30.97 -28.62
C THR B 75 24.00 29.68 -29.43
N ASP B 76 24.60 28.59 -28.97
CA ASP B 76 24.46 27.33 -29.67
C ASP B 76 23.04 26.80 -29.54
N THR B 77 22.45 26.41 -30.65
CA THR B 77 21.11 25.83 -30.61
C THR B 77 21.17 24.28 -30.63
N TYR B 78 20.31 23.65 -29.84
CA TYR B 78 20.27 22.21 -29.78
C TYR B 78 18.86 21.72 -30.00
N ALA B 79 18.72 20.60 -30.71
CA ALA B 79 17.39 20.05 -30.97
C ALA B 79 17.43 18.53 -30.99
N CYS B 80 16.26 17.93 -30.94
CA CYS B 80 16.16 16.49 -31.08
C CYS B 80 15.12 16.20 -32.14
N ARG B 81 15.48 15.33 -33.08
CA ARG B 81 14.60 15.01 -34.19
C ARG B 81 14.20 13.55 -34.17
N VAL B 82 12.91 13.33 -34.32
CA VAL B 82 12.39 11.98 -34.28
C VAL B 82 11.55 11.69 -35.51
N LYS B 83 11.98 10.68 -36.26
N LYS B 83 11.99 10.68 -36.26
CA LYS B 83 11.20 10.15 -37.36
CA LYS B 83 11.21 10.12 -37.37
C LYS B 83 10.50 8.88 -36.89
C LYS B 83 10.51 8.88 -36.88
N HIS B 84 9.20 8.79 -37.14
CA HIS B 84 8.42 7.63 -36.69
C HIS B 84 7.16 7.40 -37.50
N ASP B 85 6.94 6.14 -37.83
CA ASP B 85 5.88 5.69 -38.73
C ASP B 85 4.52 6.37 -38.50
N SER B 86 4.28 6.76 -37.25
CA SER B 86 3.01 7.36 -36.84
C SER B 86 2.85 8.80 -37.31
N MET B 87 3.92 9.36 -37.85
CA MET B 87 3.96 10.76 -38.21
C MET B 87 4.32 10.97 -39.67
N ALA B 88 3.65 11.91 -40.31
CA ALA B 88 3.95 12.30 -41.67
C ALA B 88 5.43 12.66 -41.85
N GLU B 89 5.83 13.78 -41.25
CA GLU B 89 7.23 14.22 -41.33
C GLU B 89 7.91 14.06 -39.98
N PRO B 90 9.25 14.16 -39.96
CA PRO B 90 10.00 14.10 -38.70
C PRO B 90 9.60 15.20 -37.72
N LYS B 91 9.68 14.90 -36.43
CA LYS B 91 9.34 15.85 -35.39
C LYS B 91 10.58 16.34 -34.68
N THR B 92 10.68 17.66 -34.54
CA THR B 92 11.85 18.27 -33.93
C THR B 92 11.50 19.10 -32.69
N VAL B 93 12.28 18.90 -31.63
CA VAL B 93 12.12 19.66 -30.40
C VAL B 93 13.40 20.40 -30.01
N TYR B 94 13.29 21.70 -29.84
CA TYR B 94 14.46 22.49 -29.46
C TYR B 94 14.66 22.52 -27.97
N TRP B 95 15.92 22.48 -27.57
CA TRP B 95 16.29 22.64 -26.18
C TRP B 95 16.03 24.08 -25.72
N ASP B 96 15.35 24.21 -24.59
CA ASP B 96 15.18 25.49 -23.91
C ASP B 96 15.80 25.34 -22.52
N ARG B 97 16.88 26.06 -22.25
N ARG B 97 16.88 26.07 -22.26
CA ARG B 97 17.61 25.86 -21.01
CA ARG B 97 17.63 25.92 -21.03
C ARG B 97 16.78 26.25 -19.78
C ARG B 97 16.81 26.30 -19.80
N ASP B 98 15.65 26.90 -20.03
CA ASP B 98 14.76 27.28 -18.94
C ASP B 98 13.71 26.22 -18.69
N MET B 99 13.82 25.10 -19.40
CA MET B 99 12.84 24.03 -19.28
C MET B 99 13.48 22.65 -19.15
N TYR C 1 -2.87 15.80 18.12
CA TYR C 1 -3.49 17.09 18.35
C TYR C 1 -4.98 16.96 18.03
N THR C 2 -5.80 16.98 19.08
CA THR C 2 -7.23 16.76 18.90
C THR C 2 -7.96 17.94 18.22
N VAL C 3 -9.21 17.73 17.79
CA VAL C 3 -10.04 18.81 17.22
C VAL C 3 -11.22 19.10 18.13
N LYS C 4 -11.80 20.29 17.98
CA LYS C 4 -13.03 20.61 18.69
C LYS C 4 -14.22 20.25 17.83
N TYR C 5 -14.84 19.10 18.11
CA TYR C 5 -16.00 18.65 17.34
C TYR C 5 -17.17 19.64 17.37
N PRO C 6 -17.81 19.83 16.21
CA PRO C 6 -18.90 20.79 16.00
C PRO C 6 -20.03 20.76 17.04
N ASN C 7 -20.91 19.77 16.93
CA ASN C 7 -22.21 19.78 17.63
C ASN C 7 -23.21 19.25 16.64
N LEU C 8 -23.94 18.21 17.03
CA LEU C 8 -24.84 17.52 16.12
C LEU C 8 -26.18 18.24 15.97
N GLY D 2 7.35 4.34 4.33
CA GLY D 2 5.99 3.83 4.48
C GLY D 2 5.02 4.89 4.97
N PRO D 3 3.70 4.57 4.94
CA PRO D 3 2.58 5.41 5.39
C PRO D 3 2.42 5.53 6.92
N HIS D 4 1.63 6.52 7.33
CA HIS D 4 1.40 6.77 8.75
C HIS D 4 0.00 7.34 9.03
N SER D 5 -0.33 7.49 10.30
CA SER D 5 -1.70 7.88 10.66
C SER D 5 -1.82 8.52 12.04
N LEU D 6 -2.61 9.57 12.12
CA LEU D 6 -3.01 10.15 13.38
C LEU D 6 -4.52 10.02 13.49
N ARG D 7 -4.98 9.11 14.36
CA ARG D 7 -6.40 8.79 14.52
C ARG D 7 -6.86 8.99 15.95
N TYR D 8 -8.03 9.61 16.12
CA TYR D 8 -8.69 9.69 17.42
C TYR D 8 -9.98 8.85 17.47
N PHE D 9 -10.16 8.13 18.57
CA PHE D 9 -11.36 7.33 18.79
C PHE D 9 -12.15 7.89 19.96
N VAL D 10 -13.41 8.22 19.72
CA VAL D 10 -14.18 8.95 20.71
C VAL D 10 -15.49 8.27 21.06
N THR D 11 -15.72 8.09 22.36
CA THR D 11 -16.96 7.50 22.86
C THR D 11 -17.68 8.39 23.89
N ALA D 12 -18.95 8.69 23.65
CA ALA D 12 -19.81 9.30 24.71
C ALA D 12 -21.01 8.41 25.06
N VAL D 13 -21.16 8.09 26.34
CA VAL D 13 -22.20 7.16 26.75
C VAL D 13 -23.09 7.69 27.87
N SER D 14 -24.31 8.07 27.52
CA SER D 14 -25.23 8.56 28.53
C SER D 14 -25.60 7.43 29.50
N ARG D 15 -25.77 7.78 30.77
CA ARG D 15 -26.31 6.88 31.77
C ARG D 15 -27.31 7.66 32.58
N PRO D 16 -28.49 7.89 31.99
CA PRO D 16 -29.54 8.75 32.57
C PRO D 16 -29.82 8.42 34.04
N GLY D 17 -29.82 9.47 34.86
CA GLY D 17 -30.09 9.35 36.28
C GLY D 17 -28.99 8.68 37.07
N LEU D 18 -27.87 8.30 36.44
CA LEU D 18 -26.75 7.62 37.14
C LEU D 18 -25.43 8.39 37.05
N GLY D 19 -25.53 9.68 36.71
CA GLY D 19 -24.37 10.52 36.54
C GLY D 19 -24.30 11.14 35.15
N GLU D 20 -23.20 11.83 34.86
CA GLU D 20 -23.00 12.43 33.55
C GLU D 20 -22.49 11.35 32.59
N PRO D 21 -22.77 11.49 31.29
CA PRO D 21 -22.31 10.47 30.35
C PRO D 21 -20.81 10.21 30.49
N ARG D 22 -20.38 8.97 30.33
N ARG D 22 -20.38 8.97 30.31
CA ARG D 22 -18.96 8.70 30.31
CA ARG D 22 -18.96 8.66 30.31
C ARG D 22 -18.40 9.15 28.97
C ARG D 22 -18.35 9.06 28.97
N TYR D 23 -17.24 9.77 29.01
CA TYR D 23 -16.64 10.30 27.80
C TYR D 23 -15.19 9.86 27.69
N MET D 24 -14.79 9.50 26.48
CA MET D 24 -13.46 8.93 26.26
C MET D 24 -12.83 9.35 24.94
N GLU D 25 -11.61 9.84 25.03
CA GLU D 25 -10.82 10.08 23.84
C GLU D 25 -9.55 9.24 23.85
N VAL D 26 -9.29 8.55 22.75
CA VAL D 26 -8.09 7.75 22.60
C VAL D 26 -7.41 8.11 21.28
N GLY D 27 -6.14 8.46 21.37
CA GLY D 27 -5.38 8.82 20.20
C GLY D 27 -4.46 7.69 19.78
N TYR D 28 -4.36 7.49 18.48
CA TYR D 28 -3.45 6.49 17.97
C TYR D 28 -2.47 7.11 16.97
N VAL D 29 -1.20 6.75 17.10
CA VAL D 29 -0.23 6.98 16.03
C VAL D 29 0.16 5.63 15.43
N ASP D 30 0.08 5.53 14.11
CA ASP D 30 0.36 4.27 13.42
C ASP D 30 -0.37 3.13 14.13
N ASP D 31 -1.60 3.41 14.55
CA ASP D 31 -2.40 2.41 15.24
C ASP D 31 -1.69 1.90 16.49
N THR D 32 -1.18 2.86 17.26
CA THR D 32 -0.64 2.62 18.60
C THR D 32 -1.15 3.71 19.53
N GLU D 33 -1.89 3.34 20.56
CA GLU D 33 -2.40 4.34 21.51
C GLU D 33 -1.26 5.14 22.09
N PHE D 34 -1.37 6.47 22.05
CA PHE D 34 -0.32 7.31 22.59
C PHE D 34 -0.87 8.34 23.57
N VAL D 35 -2.16 8.61 23.49
CA VAL D 35 -2.83 9.52 24.44
C VAL D 35 -4.24 9.03 24.74
N ARG D 36 -4.70 9.26 25.96
CA ARG D 36 -6.06 8.91 26.36
C ARG D 36 -6.63 10.04 27.20
N PHE D 37 -7.96 10.18 27.18
CA PHE D 37 -8.64 11.12 28.07
C PHE D 37 -9.94 10.47 28.51
N ASP D 38 -10.07 10.30 29.82
CA ASP D 38 -11.18 9.59 30.42
C ASP D 38 -11.94 10.56 31.31
N SER D 39 -13.23 10.71 31.05
CA SER D 39 -14.02 11.75 31.73
C SER D 39 -14.35 11.32 33.14
N ASP D 40 -14.05 10.07 33.44
CA ASP D 40 -14.48 9.45 34.67
C ASP D 40 -13.45 9.64 35.77
N ALA D 41 -13.26 10.89 36.19
CA ALA D 41 -12.31 11.24 37.22
C ALA D 41 -12.67 12.57 37.86
N GLU D 42 -12.14 12.81 39.06
CA GLU D 42 -12.42 14.06 39.76
C GLU D 42 -11.75 15.19 38.99
N ASN D 43 -10.53 14.95 38.53
CA ASN D 43 -9.86 15.92 37.65
C ASN D 43 -9.32 15.26 36.37
N PRO D 44 -10.17 15.15 35.34
CA PRO D 44 -9.83 14.58 34.04
C PRO D 44 -8.75 15.39 33.32
N ARG D 45 -7.75 14.68 32.82
N ARG D 45 -7.76 14.67 32.82
CA ARG D 45 -6.66 15.30 32.08
CA ARG D 45 -6.68 15.30 32.06
C ARG D 45 -6.20 14.35 30.98
C ARG D 45 -6.23 14.35 30.96
N TYR D 46 -5.73 14.91 29.86
CA TYR D 46 -5.19 14.11 28.79
C TYR D 46 -3.85 13.52 29.28
N GLU D 47 -3.53 12.30 28.85
CA GLU D 47 -2.38 11.56 29.38
C GLU D 47 -1.53 10.83 28.32
N PRO D 48 -0.21 10.75 28.54
CA PRO D 48 0.59 9.88 27.67
C PRO D 48 0.24 8.42 27.91
N ARG D 49 0.26 7.64 26.85
CA ARG D 49 0.05 6.21 26.91
C ARG D 49 1.22 5.55 26.19
N ALA D 50 2.31 6.28 26.13
CA ALA D 50 3.54 5.82 25.51
C ALA D 50 4.61 6.69 26.12
N ARG D 51 5.74 6.08 26.47
CA ARG D 51 6.78 6.80 27.16
C ARG D 51 7.33 7.92 26.29
N TRP D 52 7.18 7.78 24.98
CA TRP D 52 7.67 8.81 24.06
C TRP D 52 6.77 10.03 23.95
N MET D 53 5.58 9.99 24.55
CA MET D 53 4.75 11.21 24.61
C MET D 53 5.13 12.04 25.82
N GLU D 54 5.85 11.43 26.75
CA GLU D 54 6.24 12.11 27.98
C GLU D 54 7.16 13.31 27.77
N GLN D 55 7.56 13.57 26.53
CA GLN D 55 8.39 14.73 26.20
C GLN D 55 7.62 16.06 26.19
N GLU D 56 6.36 16.03 25.77
CA GLU D 56 5.58 17.26 25.62
C GLU D 56 5.45 18.00 26.94
N GLY D 57 5.56 19.33 26.88
CA GLY D 57 5.52 20.15 28.07
C GLY D 57 4.16 20.32 28.71
N PRO D 58 4.10 21.00 29.86
CA PRO D 58 2.83 21.26 30.53
C PRO D 58 1.82 21.93 29.60
N GLU D 59 2.30 22.79 28.70
CA GLU D 59 1.39 23.52 27.86
C GLU D 59 0.67 22.63 26.84
N TYR D 60 1.36 21.61 26.34
CA TYR D 60 0.72 20.70 25.41
C TYR D 60 -0.46 19.97 26.07
N TRP D 61 -0.20 19.35 27.22
CA TRP D 61 -1.23 18.61 27.98
C TRP D 61 -2.39 19.47 28.46
N GLU D 62 -2.10 20.71 28.87
CA GLU D 62 -3.14 21.62 29.29
C GLU D 62 -4.03 21.90 28.09
N ARG D 63 -3.40 22.29 26.98
CA ARG D 63 -4.13 22.69 25.79
C ARG D 63 -4.95 21.54 25.22
N GLU D 64 -4.43 20.31 25.31
CA GLU D 64 -5.19 19.15 24.84
C GLU D 64 -6.36 18.88 25.79
N THR D 65 -6.08 18.96 27.08
CA THR D 65 -7.09 18.73 28.10
C THR D 65 -8.26 19.68 27.94
N GLN D 66 -7.97 20.95 27.67
CA GLN D 66 -9.07 21.90 27.58
C GLN D 66 -9.94 21.62 26.35
N LYS D 67 -9.32 21.21 25.26
CA LYS D 67 -10.09 20.80 24.09
C LYS D 67 -10.99 19.64 24.48
N ALA D 68 -10.39 18.60 25.08
CA ALA D 68 -11.14 17.40 25.45
C ALA D 68 -12.37 17.71 26.33
N LYS D 69 -12.19 18.51 27.38
CA LYS D 69 -13.30 18.83 28.29
C LYS D 69 -14.43 19.51 27.54
N GLY D 70 -14.06 20.45 26.66
CA GLY D 70 -14.99 21.10 25.77
C GLY D 70 -15.73 20.14 24.85
N ASN D 71 -14.98 19.25 24.20
CA ASN D 71 -15.59 18.19 23.41
C ASN D 71 -16.62 17.39 24.22
N GLU D 72 -16.21 17.02 25.42
CA GLU D 72 -17.08 16.26 26.31
C GLU D 72 -18.39 16.99 26.54
N GLN D 73 -18.31 18.22 27.05
CA GLN D 73 -19.50 19.01 27.30
C GLN D 73 -20.35 19.19 26.04
N SER D 74 -19.71 19.28 24.89
CA SER D 74 -20.43 19.36 23.64
C SER D 74 -21.12 18.04 23.22
N PHE D 75 -20.51 16.90 23.54
CA PHE D 75 -21.15 15.62 23.26
C PHE D 75 -22.29 15.34 24.23
N ARG D 76 -22.23 15.90 25.44
CA ARG D 76 -23.32 15.75 26.42
C ARG D 76 -24.64 16.37 25.92
N VAL D 77 -24.55 17.63 25.50
CA VAL D 77 -25.58 18.29 24.72
C VAL D 77 -26.02 17.43 23.54
N ASP D 78 -25.04 16.88 22.81
CA ASP D 78 -25.29 16.08 21.61
C ASP D 78 -26.19 14.86 21.88
N LEU D 79 -25.91 14.15 22.95
CA LEU D 79 -26.77 13.04 23.33
C LEU D 79 -28.20 13.56 23.50
N ARG D 80 -28.36 14.70 24.16
CA ARG D 80 -29.71 15.25 24.30
C ARG D 80 -30.34 15.61 22.93
N THR D 81 -29.60 16.29 22.08
CA THR D 81 -30.10 16.66 20.78
C THR D 81 -30.58 15.43 20.02
N LEU D 82 -29.89 14.30 20.16
CA LEU D 82 -30.27 13.12 19.41
C LEU D 82 -31.51 12.40 19.93
N LEU D 83 -31.75 12.46 21.24
CA LEU D 83 -33.02 12.02 21.79
C LEU D 83 -34.16 12.66 21.02
N GLY D 84 -34.06 13.98 20.87
CA GLY D 84 -34.99 14.74 20.05
C GLY D 84 -35.12 14.16 18.65
N TYR D 85 -34.06 14.30 17.85
CA TYR D 85 -34.07 13.87 16.45
C TYR D 85 -34.75 12.51 16.25
N TYR D 86 -34.60 11.62 17.22
CA TYR D 86 -35.15 10.28 17.12
C TYR D 86 -36.44 10.04 17.93
N ASN D 87 -36.99 11.10 18.52
CA ASN D 87 -38.19 10.94 19.34
C ASN D 87 -38.01 9.84 20.37
N GLN D 88 -36.89 9.89 21.07
CA GLN D 88 -36.57 8.86 22.05
C GLN D 88 -36.83 9.31 23.48
N SER D 89 -37.20 8.36 24.33
CA SER D 89 -37.40 8.62 25.76
C SER D 89 -36.10 9.10 26.39
N LYS D 90 -36.19 9.84 27.48
CA LYS D 90 -34.99 10.29 28.21
C LYS D 90 -34.45 9.19 29.12
N GLY D 91 -35.17 8.07 29.19
CA GLY D 91 -34.88 7.02 30.14
C GLY D 91 -33.67 6.15 29.83
N GLY D 92 -33.41 5.91 28.55
CA GLY D 92 -32.40 4.93 28.15
C GLY D 92 -31.01 5.48 27.90
N SER D 93 -30.01 4.61 27.98
CA SER D 93 -28.62 4.99 27.66
C SER D 93 -28.32 4.89 26.17
N HIS D 94 -27.51 5.83 25.67
CA HIS D 94 -27.18 5.88 24.25
C HIS D 94 -25.70 6.17 24.08
N THR D 95 -25.18 5.84 22.91
CA THR D 95 -23.76 5.99 22.63
C THR D 95 -23.58 6.83 21.38
N ILE D 96 -22.67 7.79 21.43
CA ILE D 96 -22.16 8.43 20.21
C ILE D 96 -20.69 8.08 20.08
N GLN D 97 -20.27 7.63 18.91
CA GLN D 97 -18.85 7.39 18.70
C GLN D 97 -18.38 8.20 17.52
N VAL D 98 -17.12 8.61 17.58
CA VAL D 98 -16.53 9.25 16.44
C VAL D 98 -15.18 8.66 16.16
N ILE D 99 -14.88 8.54 14.87
CA ILE D 99 -13.53 8.23 14.44
C ILE D 99 -13.09 9.37 13.52
N SER D 100 -11.93 9.95 13.81
CA SER D 100 -11.45 11.01 12.94
C SER D 100 -9.94 11.02 12.91
N GLY D 101 -9.38 11.30 11.74
CA GLY D 101 -7.95 11.37 11.62
C GLY D 101 -7.39 11.54 10.23
N CYS D 102 -6.07 11.59 10.17
CA CYS D 102 -5.37 11.72 8.92
C CYS D 102 -4.44 10.53 8.71
N GLU D 103 -4.53 9.90 7.55
CA GLU D 103 -3.44 9.02 7.10
C GLU D 103 -2.67 9.64 5.93
N VAL D 104 -1.36 9.53 5.99
CA VAL D 104 -0.52 10.21 5.02
C VAL D 104 0.49 9.25 4.43
N GLY D 105 0.78 9.43 3.15
CA GLY D 105 1.68 8.56 2.41
C GLY D 105 3.14 8.68 2.80
N SER D 106 3.97 7.82 2.23
CA SER D 106 5.41 7.84 2.52
C SER D 106 6.06 9.15 2.07
N ASP D 107 5.35 9.87 1.19
CA ASP D 107 5.81 11.14 0.62
C ASP D 107 5.27 12.39 1.36
N GLY D 108 4.55 12.16 2.46
CA GLY D 108 4.10 13.27 3.29
C GLY D 108 2.74 13.79 2.91
N ARG D 109 2.27 13.48 1.70
CA ARG D 109 0.94 13.90 1.30
C ARG D 109 -0.17 13.16 2.03
N LEU D 110 -1.28 13.86 2.22
CA LEU D 110 -2.45 13.27 2.82
C LEU D 110 -3.06 12.23 1.89
N LEU D 111 -3.02 10.97 2.30
CA LEU D 111 -3.76 9.91 1.62
C LEU D 111 -5.26 10.00 1.87
N ARG D 112 -5.64 10.07 3.14
CA ARG D 112 -7.06 10.11 3.47
C ARG D 112 -7.35 10.93 4.74
N GLY D 113 -8.29 11.86 4.61
CA GLY D 113 -8.78 12.61 5.75
C GLY D 113 -10.14 12.06 6.08
N TYR D 114 -10.52 12.10 7.35
CA TYR D 114 -11.82 11.54 7.66
C TYR D 114 -12.34 11.81 9.06
N GLN D 115 -13.67 11.91 9.12
CA GLN D 115 -14.40 12.04 10.38
C GLN D 115 -15.80 11.47 10.21
N GLN D 116 -16.04 10.30 10.81
CA GLN D 116 -17.33 9.65 10.74
C GLN D 116 -17.96 9.53 12.13
N TYR D 117 -19.27 9.63 12.17
CA TYR D 117 -20.02 9.45 13.41
C TYR D 117 -20.89 8.20 13.35
N ALA D 118 -21.08 7.57 14.49
CA ALA D 118 -22.11 6.55 14.65
C ALA D 118 -22.93 6.90 15.87
N TYR D 119 -24.16 6.38 15.92
CA TYR D 119 -25.06 6.58 17.05
C TYR D 119 -25.71 5.26 17.39
N ASP D 120 -25.65 4.89 18.68
CA ASP D 120 -26.16 3.59 19.10
C ASP D 120 -25.66 2.47 18.16
N GLY D 121 -24.39 2.54 17.78
CA GLY D 121 -23.77 1.51 16.99
C GLY D 121 -23.98 1.55 15.49
N CYS D 122 -24.67 2.57 14.98
CA CYS D 122 -24.95 2.67 13.55
C CYS D 122 -24.40 3.93 12.88
N ASP D 123 -23.93 3.77 11.64
CA ASP D 123 -23.45 4.91 10.88
C ASP D 123 -24.44 6.07 10.93
N TYR D 124 -23.93 7.24 11.27
CA TYR D 124 -24.79 8.41 11.42
C TYR D 124 -24.47 9.39 10.31
N ILE D 125 -23.26 9.92 10.32
CA ILE D 125 -22.84 10.85 9.29
C ILE D 125 -21.33 10.76 9.09
N ALA D 126 -20.88 11.15 7.91
CA ALA D 126 -19.46 11.00 7.57
C ALA D 126 -19.02 12.05 6.54
N LEU D 127 -17.83 12.60 6.77
CA LEU D 127 -17.22 13.52 5.83
C LEU D 127 -16.60 12.72 4.70
N ASN D 128 -16.99 13.06 3.48
CA ASN D 128 -16.55 12.34 2.29
C ASN D 128 -15.08 12.53 1.98
N GLU D 129 -14.55 11.66 1.12
CA GLU D 129 -13.19 11.77 0.62
C GLU D 129 -12.80 13.21 0.29
N ASP D 130 -13.78 13.98 -0.16
CA ASP D 130 -13.52 15.33 -0.66
C ASP D 130 -13.30 16.39 0.43
N LEU D 131 -13.68 16.10 1.66
CA LEU D 131 -13.50 17.06 2.75
C LEU D 131 -14.22 18.38 2.50
N LYS D 132 -15.40 18.30 1.89
CA LYS D 132 -16.20 19.47 1.55
C LYS D 132 -17.70 19.19 1.70
N THR D 133 -18.11 17.95 1.42
CA THR D 133 -19.52 17.53 1.57
C THR D 133 -19.74 16.31 2.48
N TRP D 134 -20.99 16.14 2.89
CA TRP D 134 -21.34 15.08 3.84
C TRP D 134 -22.26 14.01 3.30
N THR D 135 -21.95 12.75 3.59
CA THR D 135 -22.92 11.67 3.41
C THR D 135 -23.70 11.41 4.72
N ALA D 136 -25.00 11.70 4.73
CA ALA D 136 -25.87 11.43 5.88
C ALA D 136 -26.58 10.08 5.79
N ALA D 137 -26.34 9.19 6.75
CA ALA D 137 -26.88 7.82 6.70
C ALA D 137 -28.40 7.68 6.81
N ASP D 138 -29.05 8.56 7.54
CA ASP D 138 -30.50 8.44 7.72
C ASP D 138 -31.20 9.78 7.81
N MET D 139 -32.50 9.75 8.05
CA MET D 139 -33.25 10.99 8.06
C MET D 139 -32.76 11.96 9.14
N ALA D 140 -32.44 11.44 10.32
CA ALA D 140 -31.99 12.27 11.44
C ALA D 140 -30.69 13.01 11.13
N ALA D 141 -29.79 12.35 10.43
CA ALA D 141 -28.50 12.93 10.09
C ALA D 141 -28.59 14.05 9.04
N LEU D 142 -29.68 14.10 8.28
CA LEU D 142 -29.87 15.19 7.32
C LEU D 142 -29.98 16.55 8.04
N ILE D 143 -30.57 16.52 9.23
CA ILE D 143 -30.65 17.69 10.08
C ILE D 143 -29.26 18.18 10.44
N THR D 144 -28.35 17.24 10.69
CA THR D 144 -26.99 17.58 11.06
C THR D 144 -26.21 18.01 9.82
N LYS D 145 -26.42 17.30 8.72
CA LYS D 145 -25.80 17.69 7.47
C LYS D 145 -26.13 19.16 7.15
N HIS D 146 -27.38 19.55 7.41
CA HIS D 146 -27.80 20.89 7.05
C HIS D 146 -27.21 21.92 7.98
N LYS D 147 -27.29 21.62 9.28
CA LYS D 147 -26.74 22.49 10.29
C LYS D 147 -25.27 22.78 9.93
N TRP D 148 -24.56 21.75 9.48
CA TRP D 148 -23.11 21.85 9.25
C TRP D 148 -22.68 22.56 7.96
N GLU D 149 -23.52 22.55 6.93
CA GLU D 149 -23.24 23.33 5.71
C GLU D 149 -23.61 24.79 5.97
N GLN D 150 -24.81 24.97 6.53
CA GLN D 150 -25.35 26.28 6.85
C GLN D 150 -24.50 26.97 7.90
N ALA D 151 -23.35 26.38 8.19
CA ALA D 151 -22.44 26.91 9.20
C ALA D 151 -21.01 26.54 8.84
N GLY D 152 -20.81 26.18 7.57
CA GLY D 152 -19.49 25.83 7.05
C GLY D 152 -18.64 25.11 8.08
N GLU D 153 -18.69 23.78 8.07
CA GLU D 153 -17.98 23.00 9.07
C GLU D 153 -16.92 22.15 8.38
N ALA D 154 -17.22 21.73 7.16
CA ALA D 154 -16.29 20.96 6.38
C ALA D 154 -14.99 21.74 6.20
N GLU D 155 -15.10 23.04 5.95
CA GLU D 155 -13.94 23.89 5.68
C GLU D 155 -13.00 23.95 6.88
N ARG D 156 -13.58 24.18 8.06
CA ARG D 156 -12.82 24.23 9.30
C ARG D 156 -12.13 22.90 9.58
N LEU D 157 -12.78 21.81 9.17
CA LEU D 157 -12.26 20.47 9.39
C LEU D 157 -11.24 20.09 8.33
N ARG D 158 -11.49 20.49 7.08
CA ARG D 158 -10.52 20.26 6.02
C ARG D 158 -9.18 20.88 6.42
N ALA D 159 -9.26 22.10 6.93
CA ALA D 159 -8.10 22.84 7.43
C ALA D 159 -7.34 22.02 8.47
N TYR D 160 -8.08 21.45 9.41
CA TYR D 160 -7.45 20.67 10.46
C TYR D 160 -6.88 19.36 9.93
N LEU D 161 -7.61 18.72 9.01
CA LEU D 161 -7.19 17.42 8.47
C LEU D 161 -5.98 17.54 7.53
N GLU D 162 -5.97 18.56 6.68
CA GLU D 162 -4.85 18.76 5.75
C GLU D 162 -3.66 19.48 6.38
N GLY D 163 -3.93 20.28 7.41
CA GLY D 163 -2.90 21.06 8.07
C GLY D 163 -2.51 20.51 9.43
N THR D 164 -3.15 21.04 10.47
CA THR D 164 -2.82 20.71 11.87
C THR D 164 -2.54 19.25 12.14
N CYS D 165 -3.42 18.38 11.65
CA CYS D 165 -3.33 16.94 11.80
C CYS D 165 -2.11 16.29 11.13
N VAL D 166 -1.81 16.74 9.91
CA VAL D 166 -0.60 16.31 9.23
C VAL D 166 0.67 16.78 9.95
N GLU D 167 0.71 18.06 10.34
CA GLU D 167 1.89 18.60 11.01
C GLU D 167 2.18 17.86 12.32
N TRP D 168 1.16 17.74 13.17
CA TRP D 168 1.33 17.06 14.44
C TRP D 168 1.73 15.61 14.30
N LEU D 169 1.15 14.91 13.33
CA LEU D 169 1.57 13.54 13.09
C LEU D 169 3.08 13.52 12.91
N ARG D 170 3.57 14.40 12.05
CA ARG D 170 4.99 14.53 11.76
C ARG D 170 5.80 14.73 13.04
N ARG D 171 5.32 15.59 13.92
CA ARG D 171 5.97 15.84 15.21
C ARG D 171 6.00 14.59 16.09
N TYR D 172 4.86 13.90 16.21
CA TYR D 172 4.73 12.68 17.02
C TYR D 172 5.66 11.57 16.52
N LEU D 173 5.75 11.43 15.20
CA LEU D 173 6.60 10.44 14.58
C LEU D 173 8.09 10.70 14.80
N LYS D 174 8.46 11.97 14.95
CA LYS D 174 9.83 12.33 15.34
C LYS D 174 10.18 11.64 16.63
N ASN D 175 9.44 11.97 17.68
CA ASN D 175 9.70 11.45 19.01
C ASN D 175 9.42 9.97 19.15
N GLY D 176 8.55 9.44 18.29
CA GLY D 176 7.98 8.13 18.52
C GLY D 176 8.35 6.99 17.60
N ASN D 177 8.75 7.30 16.37
CA ASN D 177 9.00 6.22 15.41
C ASN D 177 10.22 5.37 15.75
N ALA D 178 11.16 5.97 16.48
CA ALA D 178 12.28 5.21 17.03
C ALA D 178 11.75 3.94 17.69
N THR D 179 10.53 4.03 18.23
CA THR D 179 9.94 2.97 19.04
C THR D 179 8.72 2.30 18.38
N LEU D 180 8.13 2.95 17.38
CA LEU D 180 6.94 2.40 16.71
C LEU D 180 7.27 1.26 15.75
N LEU D 181 8.34 1.44 14.98
CA LEU D 181 8.75 0.45 13.98
C LEU D 181 8.75 -0.98 14.51
N ARG D 182 8.94 -1.13 15.82
CA ARG D 182 8.99 -2.45 16.46
C ARG D 182 8.20 -3.53 15.71
N THR D 183 8.88 -4.60 15.35
CA THR D 183 8.20 -5.77 14.80
C THR D 183 8.68 -7.00 15.55
N ASP D 184 7.72 -7.84 15.97
CA ASP D 184 8.01 -9.12 16.63
C ASP D 184 7.61 -10.27 15.71
N SER D 185 8.59 -11.06 15.28
CA SER D 185 8.26 -12.18 14.39
C SER D 185 7.68 -13.34 15.18
N PRO D 186 6.60 -13.94 14.65
CA PRO D 186 5.90 -15.07 15.29
C PRO D 186 6.77 -16.31 15.41
N LYS D 187 6.85 -16.85 16.61
CA LYS D 187 7.42 -18.18 16.85
C LYS D 187 6.28 -19.20 16.78
N ALA D 188 6.45 -20.25 15.97
CA ALA D 188 5.35 -21.20 15.78
C ALA D 188 5.69 -22.62 16.21
N HIS D 189 4.65 -23.45 16.37
CA HIS D 189 4.83 -24.87 16.63
C HIS D 189 3.51 -25.60 16.40
N VAL D 190 3.57 -26.92 16.34
CA VAL D 190 2.37 -27.69 16.08
C VAL D 190 2.09 -28.59 17.26
N THR D 191 0.82 -28.69 17.62
CA THR D 191 0.41 -29.63 18.65
C THR D 191 -0.47 -30.72 18.07
N HIS D 192 -0.53 -31.81 18.80
CA HIS D 192 -1.18 -33.01 18.34
C HIS D 192 -2.22 -33.42 19.40
N HIS D 193 -3.47 -33.54 18.98
CA HIS D 193 -4.56 -33.90 19.89
C HIS D 193 -5.37 -35.05 19.31
N SER D 194 -5.86 -35.92 20.19
CA SER D 194 -6.65 -37.07 19.78
C SER D 194 -7.99 -36.66 19.18
N ARG D 195 -8.55 -37.56 18.37
CA ARG D 195 -9.91 -37.43 17.85
C ARG D 195 -10.58 -38.79 17.96
N PRO D 196 -11.92 -38.84 17.94
CA PRO D 196 -12.54 -40.17 17.89
C PRO D 196 -12.05 -40.98 16.68
N GLU D 197 -11.76 -42.26 16.93
CA GLU D 197 -11.40 -43.20 15.87
C GLU D 197 -10.00 -42.95 15.32
N ASP D 198 -9.90 -42.94 14.01
CA ASP D 198 -8.62 -42.93 13.32
C ASP D 198 -8.19 -41.55 12.82
N LYS D 199 -8.86 -40.51 13.27
CA LYS D 199 -8.44 -39.15 12.95
C LYS D 199 -7.69 -38.56 14.15
N VAL D 200 -6.88 -37.53 13.89
CA VAL D 200 -6.21 -36.75 14.92
C VAL D 200 -6.22 -35.28 14.51
N THR D 201 -5.79 -34.38 15.41
CA THR D 201 -5.86 -32.95 15.15
C THR D 201 -4.47 -32.35 15.26
N LEU D 202 -4.09 -31.60 14.23
CA LEU D 202 -2.84 -30.85 14.25
C LEU D 202 -3.19 -29.38 14.34
N ARG D 203 -2.77 -28.77 15.44
CA ARG D 203 -3.07 -27.38 15.70
C ARG D 203 -1.77 -26.61 15.58
N CYS D 204 -1.74 -25.68 14.63
CA CYS D 204 -0.53 -24.90 14.37
C CYS D 204 -0.59 -23.57 15.12
N TRP D 205 0.38 -23.35 16.01
CA TRP D 205 0.33 -22.24 16.93
C TRP D 205 1.29 -21.17 16.50
N ALA D 206 0.83 -19.93 16.60
CA ALA D 206 1.64 -18.78 16.31
C ALA D 206 1.56 -17.80 17.48
N LEU D 207 2.72 -17.46 18.03
CA LEU D 207 2.82 -16.76 19.30
C LEU D 207 3.89 -15.66 19.32
N GLY D 208 3.62 -14.61 20.09
CA GLY D 208 4.61 -13.60 20.40
C GLY D 208 4.87 -12.62 19.28
N PHE D 209 3.87 -12.38 18.45
CA PHE D 209 4.08 -11.53 17.28
C PHE D 209 3.35 -10.19 17.34
N TYR D 210 3.83 -9.26 16.51
CA TYR D 210 3.29 -7.91 16.39
C TYR D 210 3.87 -7.29 15.12
N PRO D 211 3.02 -6.64 14.31
CA PRO D 211 1.58 -6.44 14.46
C PRO D 211 0.77 -7.74 14.46
N ALA D 212 -0.53 -7.59 14.69
CA ALA D 212 -1.44 -8.71 14.85
C ALA D 212 -1.67 -9.44 13.56
N ASP D 213 -1.67 -8.69 12.46
CA ASP D 213 -1.86 -9.29 11.15
C ASP D 213 -0.97 -10.48 10.94
N ILE D 214 -1.57 -11.56 10.47
CA ILE D 214 -0.85 -12.81 10.31
C ILE D 214 -1.69 -13.74 9.47
N THR D 215 -1.04 -14.74 8.89
CA THR D 215 -1.75 -15.68 8.05
C THR D 215 -1.19 -17.09 8.23
N LEU D 216 -2.05 -18.01 8.63
CA LEU D 216 -1.66 -19.41 8.84
C LEU D 216 -2.31 -20.28 7.79
N THR D 217 -1.57 -21.26 7.24
CA THR D 217 -2.13 -22.26 6.31
C THR D 217 -1.75 -23.70 6.65
N TRP D 218 -2.58 -24.61 6.16
CA TRP D 218 -2.24 -26.02 6.18
C TRP D 218 -2.17 -26.54 4.74
N GLN D 219 -1.10 -27.25 4.43
CA GLN D 219 -0.93 -27.82 3.10
C GLN D 219 -0.78 -29.35 3.13
N LEU D 220 -1.55 -30.02 2.29
CA LEU D 220 -1.31 -31.42 1.97
C LEU D 220 -0.92 -31.53 0.51
N ASN D 221 -0.07 -32.49 0.19
CA ASN D 221 0.41 -32.60 -1.17
C ASN D 221 1.01 -31.23 -1.48
N GLY D 222 0.41 -30.56 -2.46
CA GLY D 222 0.87 -29.25 -2.86
C GLY D 222 -0.20 -28.19 -2.71
N GLU D 223 -1.40 -28.59 -2.29
CA GLU D 223 -2.53 -27.68 -2.23
C GLU D 223 -2.77 -27.11 -0.82
N GLU D 224 -3.60 -26.07 -0.74
CA GLU D 224 -3.93 -25.50 0.55
C GLU D 224 -5.27 -26.01 1.04
N LEU D 225 -5.34 -26.33 2.34
CA LEU D 225 -6.54 -26.92 2.92
C LEU D 225 -7.54 -25.88 3.41
N ILE D 226 -8.67 -25.81 2.71
CA ILE D 226 -9.73 -24.85 3.00
C ILE D 226 -10.78 -25.49 3.89
N GLN D 227 -11.76 -26.13 3.26
CA GLN D 227 -12.79 -26.85 3.99
C GLN D 227 -12.19 -27.60 5.19
N ASP D 228 -12.93 -27.66 6.29
CA ASP D 228 -12.58 -28.54 7.42
C ASP D 228 -11.39 -28.07 8.26
N MET D 229 -10.90 -26.89 7.98
CA MET D 229 -9.77 -26.35 8.72
C MET D 229 -10.26 -25.26 9.68
N GLU D 230 -9.86 -25.36 10.96
CA GLU D 230 -10.34 -24.45 11.99
C GLU D 230 -9.32 -23.39 12.39
N LEU D 231 -9.79 -22.20 12.73
CA LEU D 231 -8.88 -21.17 13.23
C LEU D 231 -9.54 -20.27 14.26
N VAL D 232 -8.74 -19.63 15.10
CA VAL D 232 -9.28 -18.57 15.97
C VAL D 232 -9.02 -17.18 15.43
N GLU D 233 -9.86 -16.24 15.85
CA GLU D 233 -9.57 -14.85 15.56
C GLU D 233 -8.25 -14.58 16.24
N THR D 234 -7.44 -13.73 15.64
CA THR D 234 -6.18 -13.37 16.27
C THR D 234 -6.55 -12.67 17.55
N ARG D 235 -5.79 -12.94 18.61
CA ARG D 235 -6.16 -12.49 19.94
C ARG D 235 -4.95 -12.00 20.71
N PRO D 236 -5.18 -11.09 21.68
CA PRO D 236 -4.14 -10.43 22.49
C PRO D 236 -3.61 -11.31 23.63
N ALA D 237 -2.31 -11.60 23.62
CA ALA D 237 -1.66 -12.26 24.73
C ALA D 237 -1.76 -11.41 25.99
N GLY D 238 -2.00 -10.12 25.78
CA GLY D 238 -2.12 -9.16 26.86
C GLY D 238 -0.79 -8.55 27.25
N ASP D 239 0.29 -8.94 26.57
CA ASP D 239 1.60 -8.38 26.93
C ASP D 239 2.25 -7.57 25.82
N GLY D 240 1.44 -7.21 24.83
CA GLY D 240 1.94 -6.48 23.68
C GLY D 240 1.91 -7.33 22.43
N THR D 241 2.11 -8.64 22.59
CA THR D 241 2.15 -9.55 21.44
C THR D 241 0.78 -10.20 21.15
N PHE D 242 0.70 -10.91 20.02
CA PHE D 242 -0.53 -11.61 19.64
C PHE D 242 -0.36 -13.13 19.46
N GLN D 243 -1.48 -13.83 19.42
CA GLN D 243 -1.52 -15.27 19.23
C GLN D 243 -2.49 -15.60 18.12
N LYS D 244 -2.30 -16.74 17.49
CA LYS D 244 -3.30 -17.30 16.60
C LYS D 244 -2.97 -18.78 16.36
N TRP D 245 -3.94 -19.57 15.91
CA TRP D 245 -3.65 -20.95 15.56
C TRP D 245 -4.61 -21.46 14.50
N ALA D 246 -4.17 -22.46 13.74
CA ALA D 246 -5.06 -23.10 12.78
C ALA D 246 -4.85 -24.60 12.87
N SER D 247 -5.95 -25.32 12.73
CA SER D 247 -5.92 -26.74 12.98
C SER D 247 -6.61 -27.44 11.83
N VAL D 248 -6.12 -28.64 11.54
CA VAL D 248 -6.82 -29.55 10.64
C VAL D 248 -7.00 -30.93 11.25
N VAL D 249 -8.05 -31.61 10.82
CA VAL D 249 -8.24 -33.01 11.14
C VAL D 249 -7.60 -33.83 10.05
N VAL D 250 -6.73 -34.76 10.46
CA VAL D 250 -6.00 -35.59 9.50
C VAL D 250 -5.98 -37.04 9.95
N PRO D 251 -5.70 -37.98 9.03
CA PRO D 251 -5.76 -39.40 9.42
C PRO D 251 -4.62 -39.77 10.34
N LEU D 252 -4.92 -40.64 11.31
CA LEU D 252 -3.91 -41.17 12.20
C LEU D 252 -2.81 -41.82 11.38
N GLY D 253 -1.56 -41.42 11.60
CA GLY D 253 -0.44 -41.99 10.89
C GLY D 253 -0.05 -41.21 9.65
N LYS D 254 -0.85 -40.23 9.26
CA LYS D 254 -0.50 -39.40 8.10
C LYS D 254 0.04 -38.03 8.46
N GLU D 255 0.38 -37.84 9.73
CA GLU D 255 0.78 -36.53 10.26
C GLU D 255 1.90 -35.88 9.47
N GLN D 256 2.88 -36.66 9.03
CA GLN D 256 4.07 -36.12 8.36
C GLN D 256 3.82 -35.66 6.93
N TYR D 257 2.60 -35.85 6.44
CA TYR D 257 2.22 -35.39 5.09
C TYR D 257 1.64 -33.99 5.12
N TYR D 258 1.69 -33.35 6.28
CA TYR D 258 0.98 -32.09 6.45
C TYR D 258 1.92 -30.97 6.88
N THR D 259 1.74 -29.80 6.29
CA THR D 259 2.70 -28.71 6.50
C THR D 259 2.01 -27.42 6.86
N CYS D 260 2.48 -26.74 7.89
CA CYS D 260 1.88 -25.48 8.25
C CYS D 260 2.73 -24.32 7.76
N HIS D 261 2.08 -23.25 7.34
CA HIS D 261 2.75 -22.04 6.89
C HIS D 261 2.36 -20.76 7.66
N VAL D 262 3.38 -20.07 8.13
CA VAL D 262 3.19 -18.83 8.88
C VAL D 262 3.67 -17.64 8.07
N TYR D 263 2.72 -16.82 7.62
CA TYR D 263 3.04 -15.58 6.93
C TYR D 263 2.88 -14.37 7.86
N HIS D 264 3.95 -13.58 7.96
CA HIS D 264 3.92 -12.35 8.75
C HIS D 264 4.91 -11.34 8.18
N GLN D 265 4.58 -10.06 8.28
CA GLN D 265 5.45 -8.99 7.79
C GLN D 265 6.88 -9.08 8.32
N GLY D 266 7.03 -9.41 9.61
CA GLY D 266 8.34 -9.59 10.20
C GLY D 266 9.05 -10.86 9.77
N LEU D 267 8.41 -11.64 8.89
CA LEU D 267 9.01 -12.88 8.38
C LEU D 267 9.57 -12.78 6.97
N PRO D 268 10.90 -12.70 6.84
CA PRO D 268 11.54 -12.71 5.52
C PRO D 268 10.97 -13.85 4.67
N GLU D 269 11.41 -15.05 5.00
CA GLU D 269 10.85 -16.28 4.45
C GLU D 269 9.71 -16.76 5.37
N PRO D 270 8.55 -17.10 4.80
CA PRO D 270 7.51 -17.57 5.71
C PRO D 270 7.92 -18.87 6.39
N LEU D 271 7.48 -19.03 7.63
CA LEU D 271 7.82 -20.20 8.42
C LEU D 271 7.16 -21.46 7.89
N THR D 272 7.92 -22.54 7.80
CA THR D 272 7.34 -23.84 7.52
C THR D 272 7.64 -24.86 8.64
N LEU D 273 6.60 -25.54 9.09
CA LEU D 273 6.75 -26.48 10.19
C LEU D 273 5.82 -27.66 10.05
N ARG D 274 6.19 -28.70 10.77
CA ARG D 274 5.40 -29.91 10.80
C ARG D 274 5.35 -30.44 12.22
N TRP D 275 4.40 -31.34 12.47
CA TRP D 275 4.33 -32.06 13.73
C TRP D 275 5.65 -32.78 14.02
N GLU D 276 6.23 -32.47 15.16
CA GLU D 276 7.39 -33.20 15.66
C GLU D 276 6.99 -33.89 16.97
N PRO D 277 6.93 -35.23 16.96
CA PRO D 277 6.72 -36.00 18.19
C PRO D 277 7.98 -36.00 19.05
N PRO D 278 7.84 -35.71 20.34
CA PRO D 278 8.96 -35.81 21.29
C PRO D 278 9.53 -37.25 21.37
N ILE E 1 -29.35 -0.37 17.52
CA ILE E 1 -29.33 -1.82 17.28
C ILE E 1 -28.24 -2.52 18.09
N GLN E 2 -28.53 -3.74 18.57
CA GLN E 2 -27.62 -4.45 19.45
C GLN E 2 -26.72 -5.45 18.73
N LYS E 3 -25.53 -5.67 19.29
CA LYS E 3 -24.58 -6.63 18.75
C LYS E 3 -24.10 -7.60 19.83
N THR E 4 -24.10 -8.89 19.50
CA THR E 4 -23.78 -9.96 20.44
C THR E 4 -22.29 -10.19 20.62
N PRO E 5 -21.86 -10.35 21.87
CA PRO E 5 -20.44 -10.51 22.19
C PRO E 5 -19.87 -11.84 21.71
N GLN E 6 -18.57 -11.82 21.39
CA GLN E 6 -17.85 -13.01 21.02
C GLN E 6 -16.77 -13.19 22.09
N ILE E 7 -16.48 -14.44 22.43
CA ILE E 7 -15.63 -14.72 23.58
C ILE E 7 -14.57 -15.76 23.31
N GLN E 8 -13.33 -15.41 23.65
CA GLN E 8 -12.21 -16.35 23.68
C GLN E 8 -11.61 -16.41 25.09
N VAL E 9 -11.36 -17.61 25.59
CA VAL E 9 -10.76 -17.82 26.90
C VAL E 9 -9.51 -18.64 26.73
N TYR E 10 -8.38 -18.12 27.16
CA TYR E 10 -7.10 -18.68 26.76
C TYR E 10 -5.97 -18.06 27.56
N SER E 11 -4.92 -18.84 27.82
CA SER E 11 -3.80 -18.39 28.61
C SER E 11 -2.83 -17.56 27.80
N ARG E 12 -2.04 -16.73 28.48
CA ARG E 12 -1.04 -15.89 27.81
C ARG E 12 0.13 -16.72 27.27
N HIS E 13 0.50 -17.76 28.01
CA HIS E 13 1.56 -18.65 27.58
C HIS E 13 1.00 -20.06 27.59
N PRO E 14 1.66 -20.98 26.85
CA PRO E 14 1.20 -22.37 26.86
C PRO E 14 1.20 -22.91 28.28
N PRO E 15 0.09 -23.50 28.70
CA PRO E 15 -0.08 -23.88 30.10
C PRO E 15 0.77 -25.09 30.53
N GLU E 16 1.50 -24.96 31.62
CA GLU E 16 2.19 -26.10 32.24
C GLU E 16 1.67 -26.25 33.65
N ASN E 17 1.05 -27.39 33.93
CA ASN E 17 0.59 -27.66 35.29
C ASN E 17 1.66 -27.26 36.29
N GLY E 18 1.28 -26.46 37.29
CA GLY E 18 2.20 -26.03 38.33
C GLY E 18 2.93 -24.70 38.10
N LYS E 19 2.86 -24.18 36.88
CA LYS E 19 3.65 -22.99 36.53
C LYS E 19 2.76 -21.74 36.38
N PRO E 20 3.12 -20.66 37.11
CA PRO E 20 2.30 -19.44 37.09
C PRO E 20 2.10 -18.91 35.69
N ASN E 21 0.88 -18.46 35.43
CA ASN E 21 0.47 -18.05 34.11
C ASN E 21 -0.54 -16.91 34.24
N ILE E 22 -1.02 -16.41 33.11
CA ILE E 22 -2.10 -15.43 33.07
C ILE E 22 -3.22 -16.03 32.25
N LEU E 23 -4.46 -15.77 32.62
CA LEU E 23 -5.59 -16.25 31.84
C LEU E 23 -6.39 -15.09 31.28
N ASN E 24 -6.67 -15.16 29.99
CA ASN E 24 -7.35 -14.09 29.28
C ASN E 24 -8.78 -14.43 28.94
N CYS E 25 -9.61 -13.39 28.97
CA CYS E 25 -10.95 -13.43 28.46
C CYS E 25 -11.11 -12.19 27.58
N TYR E 26 -11.27 -12.46 26.29
CA TYR E 26 -11.21 -11.47 25.25
C TYR E 26 -12.60 -11.41 24.67
N VAL E 27 -13.23 -10.25 24.83
CA VAL E 27 -14.62 -10.13 24.42
C VAL E 27 -14.74 -9.05 23.36
N THR E 28 -15.36 -9.41 22.24
CA THR E 28 -15.37 -8.55 21.07
C THR E 28 -16.74 -8.53 20.41
N GLN E 29 -16.91 -7.58 19.49
CA GLN E 29 -18.09 -7.49 18.63
C GLN E 29 -19.38 -7.10 19.36
N PHE E 30 -19.26 -6.42 20.50
CA PHE E 30 -20.46 -6.10 21.29
C PHE E 30 -20.90 -4.63 21.30
N HIS E 31 -22.19 -4.41 21.48
CA HIS E 31 -22.80 -3.08 21.49
C HIS E 31 -24.23 -3.18 22.00
N PRO E 32 -24.59 -2.39 23.03
CA PRO E 32 -23.91 -1.27 23.67
C PRO E 32 -22.68 -1.66 24.47
N PRO E 33 -21.91 -0.67 24.95
CA PRO E 33 -20.58 -0.91 25.51
C PRO E 33 -20.60 -1.40 26.94
N HIS E 34 -21.71 -1.22 27.63
CA HIS E 34 -21.78 -1.67 29.00
C HIS E 34 -21.89 -3.20 29.06
N ILE E 35 -21.00 -3.80 29.83
CA ILE E 35 -20.82 -5.25 29.84
C ILE E 35 -20.28 -5.73 31.19
N GLU E 36 -20.66 -6.94 31.59
CA GLU E 36 -20.19 -7.48 32.87
C GLU E 36 -19.43 -8.78 32.66
N ILE E 37 -18.15 -8.77 33.01
CA ILE E 37 -17.30 -9.93 32.75
C ILE E 37 -16.68 -10.48 34.01
N GLN E 38 -17.11 -11.67 34.40
CA GLN E 38 -16.43 -12.35 35.50
C GLN E 38 -15.74 -13.61 34.99
N MET E 39 -14.70 -14.04 35.70
CA MET E 39 -14.05 -15.31 35.44
C MET E 39 -14.28 -16.21 36.66
N LEU E 40 -14.64 -17.46 36.39
CA LEU E 40 -14.97 -18.40 37.44
C LEU E 40 -13.96 -19.53 37.53
N LYS E 41 -13.69 -19.96 38.75
CA LYS E 41 -12.80 -21.10 38.99
C LYS E 41 -13.58 -22.18 39.75
N ASN E 42 -13.78 -23.31 39.10
CA ASN E 42 -14.62 -24.35 39.64
C ASN E 42 -15.96 -23.82 40.12
N GLY E 43 -16.63 -23.05 39.26
CA GLY E 43 -17.93 -22.52 39.63
C GLY E 43 -17.86 -21.24 40.45
N LYS E 44 -16.72 -20.99 41.08
CA LYS E 44 -16.60 -19.85 41.99
C LYS E 44 -15.90 -18.63 41.36
N LYS E 45 -16.56 -17.47 41.44
CA LYS E 45 -16.01 -16.23 40.89
C LYS E 45 -14.62 -15.87 41.42
N ILE E 46 -13.74 -15.47 40.51
CA ILE E 46 -12.40 -15.05 40.86
C ILE E 46 -12.37 -13.58 41.28
N PRO E 47 -11.75 -13.28 42.42
CA PRO E 47 -11.73 -11.95 43.04
C PRO E 47 -11.01 -10.87 42.21
N LYS E 48 -9.76 -11.11 41.87
CA LYS E 48 -8.96 -10.07 41.22
C LYS E 48 -8.87 -10.22 39.69
N VAL E 49 -9.89 -9.76 38.99
CA VAL E 49 -9.89 -9.79 37.54
C VAL E 49 -9.61 -8.39 36.97
N GLU E 50 -8.43 -8.21 36.41
CA GLU E 50 -8.06 -6.92 35.87
C GLU E 50 -8.68 -6.71 34.49
N MET E 51 -8.88 -5.47 34.11
CA MET E 51 -9.49 -5.23 32.82
C MET E 51 -8.90 -4.07 32.04
N SER E 52 -8.67 -4.33 30.76
CA SER E 52 -8.12 -3.32 29.87
C SER E 52 -9.14 -2.20 29.71
N ASP E 53 -8.68 -1.05 29.24
CA ASP E 53 -9.58 0.02 28.86
C ASP E 53 -10.40 -0.47 27.67
N MET E 54 -11.62 0.04 27.54
CA MET E 54 -12.44 -0.37 26.42
C MET E 54 -12.02 0.34 25.13
N SER E 55 -12.30 -0.29 24.02
CA SER E 55 -12.00 0.25 22.72
C SER E 55 -13.09 -0.23 21.76
N PHE E 56 -13.04 0.27 20.54
CA PHE E 56 -13.92 -0.24 19.50
C PHE E 56 -13.18 -0.25 18.18
N SER E 57 -13.68 -1.03 17.23
CA SER E 57 -13.00 -1.18 15.96
C SER E 57 -13.80 -0.50 14.85
N LYS E 58 -13.29 -0.55 13.62
CA LYS E 58 -13.87 0.19 12.49
C LYS E 58 -15.38 0.04 12.38
N ASP E 59 -15.88 -1.17 12.60
CA ASP E 59 -17.31 -1.44 12.51
C ASP E 59 -18.14 -0.93 13.70
N TRP E 60 -17.47 -0.24 14.63
CA TRP E 60 -18.09 0.39 15.82
C TRP E 60 -18.22 -0.51 17.04
N SER E 61 -18.16 -1.83 16.86
CA SER E 61 -18.31 -2.75 18.00
C SER E 61 -17.19 -2.59 19.02
N PHE E 62 -17.51 -2.94 20.25
CA PHE E 62 -16.52 -2.79 21.30
C PHE E 62 -15.75 -4.09 21.55
N TYR E 63 -14.58 -3.96 22.15
CA TYR E 63 -13.83 -5.11 22.60
C TYR E 63 -13.03 -4.73 23.84
N ILE E 64 -12.76 -5.75 24.66
CA ILE E 64 -12.05 -5.54 25.90
C ILE E 64 -11.37 -6.85 26.32
N LEU E 65 -10.28 -6.71 27.06
CA LEU E 65 -9.58 -7.89 27.60
C LEU E 65 -9.64 -7.91 29.13
N ALA E 66 -10.31 -8.92 29.67
CA ALA E 66 -10.22 -9.22 31.10
C ALA E 66 -9.14 -10.26 31.27
N HIS E 67 -8.46 -10.24 32.41
CA HIS E 67 -7.51 -11.31 32.69
C HIS E 67 -7.31 -11.49 34.18
N THR E 68 -6.75 -12.63 34.55
CA THR E 68 -6.39 -12.87 35.93
C THR E 68 -5.16 -13.75 35.97
N GLU E 69 -4.60 -13.91 37.15
CA GLU E 69 -3.45 -14.78 37.34
C GLU E 69 -3.93 -16.15 37.81
N PHE E 70 -3.28 -17.22 37.32
CA PHE E 70 -3.60 -18.58 37.76
C PHE E 70 -2.43 -19.52 37.52
N THR E 71 -2.43 -20.61 38.28
CA THR E 71 -1.46 -21.67 38.06
C THR E 71 -2.26 -22.92 37.73
N PRO E 72 -2.36 -23.24 36.44
CA PRO E 72 -3.20 -24.36 36.01
C PRO E 72 -2.78 -25.66 36.68
N THR E 73 -3.76 -26.52 36.91
CA THR E 73 -3.50 -27.86 37.41
C THR E 73 -4.17 -28.80 36.45
N GLU E 74 -3.91 -30.10 36.63
N GLU E 74 -3.93 -30.10 36.60
CA GLU E 74 -4.51 -31.15 35.82
CA GLU E 74 -4.54 -31.04 35.68
C GLU E 74 -6.02 -31.05 35.78
C GLU E 74 -6.07 -31.00 35.74
N THR E 75 -6.63 -30.70 36.91
CA THR E 75 -8.07 -30.86 37.08
C THR E 75 -8.91 -29.59 37.33
N ASP E 76 -8.26 -28.45 37.60
CA ASP E 76 -9.00 -27.21 37.82
C ASP E 76 -9.78 -26.79 36.59
N THR E 77 -11.01 -26.34 36.79
CA THR E 77 -11.82 -25.85 35.69
C THR E 77 -11.90 -24.33 35.73
N TYR E 78 -11.83 -23.70 34.56
CA TYR E 78 -11.88 -22.25 34.48
C TYR E 78 -12.90 -21.85 33.45
N ALA E 79 -13.65 -20.79 33.71
CA ALA E 79 -14.55 -20.23 32.69
C ALA E 79 -14.59 -18.71 32.66
N CYS E 80 -15.22 -18.19 31.62
CA CYS E 80 -15.53 -16.78 31.56
C CYS E 80 -17.01 -16.60 31.33
N ARG E 81 -17.60 -15.73 32.14
CA ARG E 81 -19.03 -15.46 32.03
C ARG E 81 -19.27 -13.98 31.76
N VAL E 82 -20.20 -13.76 30.85
CA VAL E 82 -20.46 -12.46 30.28
C VAL E 82 -21.96 -12.29 30.27
N LYS E 83 -22.43 -11.19 30.81
CA LYS E 83 -23.80 -10.77 30.60
C LYS E 83 -23.77 -9.46 29.84
N HIS E 84 -24.62 -9.36 28.82
CA HIS E 84 -24.69 -8.16 28.00
C HIS E 84 -26.10 -8.05 27.47
N ASP E 85 -26.61 -6.83 27.45
CA ASP E 85 -28.02 -6.59 27.07
C ASP E 85 -28.49 -7.46 25.89
N SER E 86 -27.60 -7.69 24.93
CA SER E 86 -27.93 -8.41 23.69
C SER E 86 -28.35 -9.87 23.86
N MET E 87 -28.01 -10.48 24.98
CA MET E 87 -28.35 -11.88 25.24
C MET E 87 -29.30 -12.02 26.42
N ALA E 88 -30.28 -12.91 26.28
CA ALA E 88 -31.24 -13.17 27.35
C ALA E 88 -30.56 -13.58 28.65
N GLU E 89 -29.49 -14.34 28.53
CA GLU E 89 -28.82 -14.92 29.69
C GLU E 89 -27.31 -14.82 29.54
N PRO E 90 -26.61 -14.71 30.67
CA PRO E 90 -25.13 -14.64 30.63
C PRO E 90 -24.52 -15.84 29.91
N LYS E 91 -23.72 -15.57 28.89
CA LYS E 91 -23.03 -16.64 28.20
C LYS E 91 -21.73 -16.99 28.92
N THR E 92 -21.46 -18.29 28.96
CA THR E 92 -20.29 -18.80 29.66
C THR E 92 -19.41 -19.63 28.72
N VAL E 93 -18.11 -19.41 28.80
CA VAL E 93 -17.18 -20.15 27.95
C VAL E 93 -16.07 -20.77 28.79
N TYR E 94 -15.88 -22.08 28.65
CA TYR E 94 -14.86 -22.76 29.44
C TYR E 94 -13.49 -22.76 28.76
N TRP E 95 -12.46 -22.54 29.55
CA TRP E 95 -11.10 -22.63 29.07
C TRP E 95 -10.74 -24.04 28.60
N ASP E 96 -10.28 -24.13 27.36
CA ASP E 96 -9.78 -25.38 26.84
C ASP E 96 -8.29 -25.22 26.63
N ARG E 97 -7.49 -26.03 27.32
CA ARG E 97 -6.03 -25.88 27.29
C ARG E 97 -5.41 -26.30 25.95
N ASP E 98 -6.20 -26.91 25.08
CA ASP E 98 -5.74 -27.18 23.73
C ASP E 98 -6.02 -26.01 22.78
N MET E 99 -6.92 -25.13 23.19
CA MET E 99 -7.31 -24.00 22.36
C MET E 99 -6.74 -22.68 22.87
N TYR F 1 11.40 -16.52 -11.65
CA TYR F 1 12.12 -16.61 -12.92
C TYR F 1 11.10 -16.82 -14.05
N THR F 2 11.56 -17.04 -15.28
CA THR F 2 10.62 -16.94 -16.41
C THR F 2 9.74 -18.16 -16.63
N VAL F 3 8.59 -17.93 -17.27
CA VAL F 3 7.69 -19.00 -17.66
C VAL F 3 7.81 -19.27 -19.15
N LYS F 4 7.44 -20.47 -19.58
CA LYS F 4 7.36 -20.78 -21.01
C LYS F 4 5.99 -20.37 -21.53
N TYR F 5 5.96 -19.58 -22.60
CA TYR F 5 4.67 -19.10 -23.12
C TYR F 5 4.12 -20.03 -24.15
N PRO F 6 2.82 -20.27 -24.07
CA PRO F 6 2.06 -21.12 -24.99
C PRO F 6 1.92 -20.46 -26.35
N ASN F 7 1.78 -21.27 -27.40
CA ASN F 7 1.50 -20.74 -28.74
C ASN F 7 0.13 -20.08 -28.81
N LEU F 8 0.00 -19.11 -29.70
CA LEU F 8 -1.25 -18.38 -29.86
C LEU F 8 -2.14 -19.04 -30.90
#